data_3PPM
#
_entry.id   3PPM
#
_cell.length_a   103.692
_cell.length_b   103.692
_cell.length_c   254.705
_cell.angle_alpha   90.00
_cell.angle_beta   90.00
_cell.angle_gamma   120.00
#
_symmetry.space_group_name_H-M   'P 32 2 1'
#
loop_
_entity.id
_entity.type
_entity.pdbx_description
1 polymer 'Fatty-acid amide hydrolase 1'
2 non-polymer 7-phenyl-1-[5-(pyridin-2-yl)-1,3,4-oxadiazol-2-yl]heptan-1-one
3 non-polymer 'CHLORIDE ION'
4 non-polymer 'FLUORIDE ION'
5 non-polymer DI(HYDROXYETHYL)ETHER
6 non-polymer 1-DODECANOL
7 water water
#
_entity_poly.entity_id   1
_entity_poly.type   'polypeptide(L)'
_entity_poly.pdbx_seq_one_letter_code
;MGSSHHHHHHSSGLVPRGSHMASRWTGRQKARGAATRARQKQRASLETMDKAVQRFRLQNPDLDSEALLTLPLLQLVQKL
QSGELSPEAVFFTYLGKAWEVNKGTNCVTSYLTDCETQLSQAPRQGLLYGVPVSLKECFSYKGHDSTLGLSLNEGMPSES
DCVVVQVLKLQGAVPFVHTNVPQSMFSYDCSNPLFGQTMNPWKSSKSPGGSSGGEGALIGSGGSPLGLGTDIGGSIRFPS
AFCGICGLKPTGNRLSKSGLKGCVYGQTAVQLSLGPMARDVESLALCLKALLCEHLFTLDPTVPPLPFREEVYRSSRPLR
VGYYETDNYTMPSPAMRRALIETKQRLEAAGHTLIPFLPNNIPYALEVLSTGGLFSDGGRSFLQNFKGDFVDPCLGDLIL
ILRLPSWFKRLLSLLLKPLFPRLAAFLNNMRPRSAEKLWKLQHEIEMYRQSVIAQWKAMNLDVLLTPMLGPALDLNTPGR
ATGAVSYTMLYNCLDFPAGVVPVTTVTAEDDAQMELYKGYFGDIWDIILKKAMKNSVGLPVAVQCVALPWQEELCLRFMR
EVEQLMTPQKQPS
;
_entity_poly.pdbx_strand_id   A,B
#
loop_
_chem_comp.id
_chem_comp.type
_chem_comp.name
_chem_comp.formula
1DO non-polymer 1-DODECANOL 'C12 H26 O'
CL non-polymer 'CHLORIDE ION' 'Cl -1'
F non-polymer 'FLUORIDE ION' 'F -1'
JG1 non-polymer 7-phenyl-1-[5-(pyridin-2-yl)-1,3,4-oxadiazol-2-yl]heptan-1-one 'C20 H21 N3 O2'
PEG non-polymer DI(HYDROXYETHYL)ETHER 'C4 H10 O3'
#
# COMPACT_ATOMS: atom_id res chain seq x y z
N GLY A 27 27.28 -28.40 17.86
CA GLY A 27 26.00 -27.84 17.46
C GLY A 27 26.15 -26.78 16.39
N ARG A 28 27.38 -26.59 15.94
CA ARG A 28 27.66 -25.57 14.93
C ARG A 28 28.38 -26.16 13.72
N GLN A 29 28.37 -27.48 13.58
CA GLN A 29 29.05 -28.11 12.45
C GLN A 29 28.50 -27.61 11.12
N LYS A 30 27.18 -27.50 11.03
CA LYS A 30 26.57 -27.02 9.81
C LYS A 30 26.97 -25.57 9.54
N ALA A 31 26.91 -24.74 10.59
CA ALA A 31 27.28 -23.35 10.47
C ALA A 31 28.75 -23.18 10.07
N ARG A 32 29.63 -24.01 10.66
CA ARG A 32 31.06 -23.95 10.34
CA ARG A 32 31.04 -23.92 10.32
C ARG A 32 31.28 -24.33 8.87
N GLY A 33 30.58 -25.37 8.41
CA GLY A 33 30.66 -25.78 7.02
C GLY A 33 30.21 -24.67 6.08
N ALA A 34 29.10 -24.03 6.40
CA ALA A 34 28.61 -22.93 5.60
C ALA A 34 29.63 -21.79 5.50
N ALA A 35 30.26 -21.45 6.62
CA ALA A 35 31.25 -20.38 6.62
C ALA A 35 32.47 -20.75 5.76
N THR A 36 32.92 -21.99 5.87
CA THR A 36 34.06 -22.44 5.10
C THR A 36 33.78 -22.31 3.60
N ARG A 37 32.62 -22.76 3.16
CA ARG A 37 32.25 -22.69 1.74
C ARG A 37 32.06 -21.25 1.28
N ALA A 38 31.39 -20.44 2.11
CA ALA A 38 31.19 -19.05 1.76
C ALA A 38 32.52 -18.31 1.56
N ARG A 39 33.46 -18.54 2.47
CA ARG A 39 34.77 -17.92 2.33
C ARG A 39 35.49 -18.39 1.08
N GLN A 40 35.35 -19.67 0.77
CA GLN A 40 35.94 -20.22 -0.46
C GLN A 40 35.41 -19.49 -1.69
N LYS A 41 34.08 -19.30 -1.71
CA LYS A 41 33.43 -18.64 -2.85
C LYS A 41 33.81 -17.17 -2.97
N GLN A 42 33.89 -16.49 -1.83
CA GLN A 42 34.31 -15.09 -1.82
C GLN A 42 35.74 -14.98 -2.34
N ARG A 43 36.63 -15.81 -1.82
CA ARG A 43 38.02 -15.80 -2.24
C ARG A 43 38.10 -16.08 -3.74
N ALA A 44 37.33 -17.06 -4.21
CA ALA A 44 37.37 -17.42 -5.63
C ALA A 44 36.82 -16.29 -6.51
N SER A 45 35.78 -15.62 -6.02
CA SER A 45 35.22 -14.46 -6.70
C SER A 45 36.26 -13.37 -6.90
N LEU A 46 36.96 -13.03 -5.82
CA LEU A 46 37.94 -11.96 -5.87
C LEU A 46 39.09 -12.31 -6.81
N GLU A 47 39.48 -13.59 -6.82
CA GLU A 47 40.56 -14.03 -7.70
C GLU A 47 40.12 -13.91 -9.16
N THR A 48 38.86 -14.24 -9.42
CA THR A 48 38.29 -14.14 -10.76
C THR A 48 38.29 -12.68 -11.24
N MET A 49 37.88 -11.77 -10.36
CA MET A 49 37.89 -10.34 -10.69
C MET A 49 39.30 -9.88 -11.02
N ASP A 50 40.24 -10.24 -10.15
CA ASP A 50 41.64 -9.86 -10.35
C ASP A 50 42.17 -10.35 -11.69
N LYS A 51 41.92 -11.62 -12.01
CA LYS A 51 42.36 -12.19 -13.28
C LYS A 51 41.83 -11.39 -14.46
N ALA A 52 40.54 -11.08 -14.41
CA ALA A 52 39.87 -10.40 -15.51
C ALA A 52 40.41 -8.98 -15.67
N VAL A 53 40.64 -8.33 -14.54
CA VAL A 53 41.20 -6.98 -14.54
C VAL A 53 42.61 -6.95 -15.12
N GLN A 54 43.46 -7.87 -14.67
CA GLN A 54 44.84 -7.94 -15.16
C GLN A 54 44.87 -8.16 -16.67
N ARG A 55 44.01 -9.06 -17.13
CA ARG A 55 43.89 -9.34 -18.56
C ARG A 55 43.50 -8.08 -19.34
N PHE A 56 42.56 -7.31 -18.80
CA PHE A 56 42.13 -6.08 -19.48
C PHE A 56 43.24 -5.02 -19.51
N ARG A 57 43.88 -4.80 -18.36
CA ARG A 57 44.93 -3.80 -18.26
C ARG A 57 46.09 -4.10 -19.21
N LEU A 58 46.39 -5.38 -19.38
CA LEU A 58 47.48 -5.81 -20.25
C LEU A 58 47.17 -5.44 -21.70
N GLN A 59 45.87 -5.46 -22.05
CA GLN A 59 45.43 -5.12 -23.40
C GLN A 59 45.22 -3.61 -23.57
N ASN A 60 45.08 -2.89 -22.47
CA ASN A 60 44.77 -1.46 -22.51
C ASN A 60 45.64 -0.64 -21.57
N PRO A 61 46.96 -0.69 -21.76
CA PRO A 61 47.92 -0.06 -20.84
C PRO A 61 47.86 1.47 -20.82
N ASP A 62 47.30 2.07 -21.86
CA ASP A 62 47.33 3.53 -21.99
C ASP A 62 46.07 4.21 -21.44
N LEU A 63 45.08 3.41 -21.07
CA LEU A 63 43.82 3.96 -20.56
C LEU A 63 44.01 4.80 -19.30
N ASP A 64 43.45 5.99 -19.30
CA ASP A 64 43.50 6.86 -18.12
C ASP A 64 42.44 6.41 -17.12
N SER A 65 42.80 5.44 -16.26
CA SER A 65 41.85 4.87 -15.32
C SER A 65 41.39 5.87 -14.26
N GLU A 66 42.29 6.72 -13.82
CA GLU A 66 41.94 7.71 -12.80
C GLU A 66 40.92 8.72 -13.32
N ALA A 67 41.11 9.18 -14.56
CA ALA A 67 40.17 10.11 -15.16
C ALA A 67 38.78 9.48 -15.20
N LEU A 68 38.73 8.22 -15.60
CA LEU A 68 37.47 7.50 -15.73
C LEU A 68 36.77 7.33 -14.38
N LEU A 69 37.51 6.90 -13.36
CA LEU A 69 36.92 6.65 -12.05
C LEU A 69 36.41 7.92 -11.38
N THR A 70 36.98 9.07 -11.73
CA THR A 70 36.59 10.31 -11.07
C THR A 70 35.46 11.04 -11.79
N LEU A 71 35.06 10.53 -12.95
CA LEU A 71 33.93 11.11 -13.67
C LEU A 71 32.66 10.95 -12.86
N PRO A 72 31.93 12.05 -12.65
CA PRO A 72 30.60 11.92 -12.03
C PRO A 72 29.73 11.01 -12.89
N LEU A 73 28.83 10.26 -12.26
CA LEU A 73 28.03 9.27 -12.98
C LEU A 73 27.33 9.84 -14.22
N LEU A 74 26.72 11.01 -14.10
CA LEU A 74 26.01 11.59 -15.22
C LEU A 74 26.94 11.82 -16.41
N GLN A 75 28.17 12.25 -16.13
CA GLN A 75 29.15 12.43 -17.22
C GLN A 75 29.59 11.06 -17.77
N LEU A 76 29.82 10.11 -16.87
CA LEU A 76 30.16 8.75 -17.26
C LEU A 76 29.09 8.19 -18.20
N VAL A 77 27.83 8.40 -17.84
CA VAL A 77 26.71 7.90 -18.63
C VAL A 77 26.68 8.56 -20.00
N GLN A 78 26.95 9.86 -20.03
CA GLN A 78 26.95 10.60 -21.29
C GLN A 78 28.03 10.08 -22.24
N LYS A 79 29.22 9.79 -21.72
CA LYS A 79 30.32 9.32 -22.54
C LYS A 79 30.09 7.88 -23.02
N LEU A 80 29.37 7.11 -22.22
CA LEU A 80 29.00 5.76 -22.60
C LEU A 80 27.96 5.79 -23.70
N GLN A 81 26.98 6.67 -23.55
CA GLN A 81 25.90 6.78 -24.53
C GLN A 81 26.43 7.29 -25.88
N SER A 82 27.43 8.17 -25.84
CA SER A 82 27.99 8.74 -27.07
C SER A 82 29.06 7.85 -27.71
N GLY A 83 29.58 6.89 -26.94
CA GLY A 83 30.60 6.01 -27.45
C GLY A 83 32.02 6.48 -27.21
N GLU A 84 32.16 7.61 -26.52
CA GLU A 84 33.49 8.11 -26.16
C GLU A 84 34.23 7.15 -25.25
N LEU A 85 33.49 6.51 -24.34
CA LEU A 85 34.04 5.41 -23.54
C LEU A 85 33.33 4.12 -23.88
N SER A 86 34.07 3.02 -23.95
CA SER A 86 33.46 1.73 -24.20
C SER A 86 32.93 1.15 -22.90
N PRO A 87 31.88 0.32 -22.98
CA PRO A 87 31.40 -0.35 -21.76
C PRO A 87 32.52 -1.19 -21.14
N GLU A 88 33.38 -1.79 -21.97
CA GLU A 88 34.44 -2.63 -21.45
C GLU A 88 35.43 -1.82 -20.60
N ALA A 89 35.79 -0.64 -21.09
CA ALA A 89 36.74 0.20 -20.38
C ALA A 89 36.15 0.59 -19.02
N VAL A 90 34.90 1.04 -19.02
CA VAL A 90 34.25 1.45 -17.78
C VAL A 90 34.14 0.28 -16.82
N PHE A 91 33.70 -0.87 -17.34
CA PHE A 91 33.46 -2.02 -16.49
C PHE A 91 34.74 -2.53 -15.83
N PHE A 92 35.77 -2.79 -16.62
CA PHE A 92 36.99 -3.39 -16.07
C PHE A 92 37.77 -2.42 -15.18
N THR A 93 37.65 -1.13 -15.49
CA THR A 93 38.27 -0.11 -14.65
C THR A 93 37.59 -0.04 -13.27
N TYR A 94 36.27 -0.05 -13.25
CA TYR A 94 35.56 -0.11 -11.97
C TYR A 94 35.78 -1.44 -11.26
N LEU A 95 35.87 -2.53 -12.02
CA LEU A 95 36.11 -3.84 -11.41
C LEU A 95 37.46 -3.85 -10.68
N GLY A 96 38.47 -3.29 -11.33
CA GLY A 96 39.78 -3.17 -10.71
C GLY A 96 39.74 -2.35 -9.44
N LYS A 97 39.03 -1.21 -9.49
CA LYS A 97 38.97 -0.33 -8.34
C LYS A 97 38.23 -1.02 -7.20
N ALA A 98 37.12 -1.67 -7.53
CA ALA A 98 36.35 -2.42 -6.55
C ALA A 98 37.22 -3.47 -5.86
N TRP A 99 38.01 -4.21 -6.64
CA TRP A 99 38.88 -5.23 -6.08
C TRP A 99 39.89 -4.60 -5.13
N GLU A 100 40.44 -3.45 -5.54
CA GLU A 100 41.44 -2.75 -4.73
C GLU A 100 40.87 -2.23 -3.42
N VAL A 101 39.74 -1.53 -3.48
CA VAL A 101 39.17 -0.96 -2.26
C VAL A 101 38.66 -2.05 -1.33
N ASN A 102 38.27 -3.20 -1.89
CA ASN A 102 37.84 -4.31 -1.06
C ASN A 102 38.95 -4.80 -0.14
N LYS A 103 40.20 -4.62 -0.57
CA LYS A 103 41.31 -5.09 0.26
C LYS A 103 41.26 -4.52 1.67
N GLY A 104 40.91 -3.25 1.79
CA GLY A 104 40.89 -2.59 3.09
C GLY A 104 39.51 -2.50 3.73
N THR A 105 38.47 -2.93 3.02
CA THR A 105 37.10 -2.80 3.52
C THR A 105 36.32 -4.10 3.68
N ASN A 106 36.68 -5.13 2.91
CA ASN A 106 35.90 -6.37 2.94
C ASN A 106 34.40 -6.10 2.70
N CYS A 107 34.11 -5.39 1.62
CA CYS A 107 32.73 -5.04 1.26
C CYS A 107 32.10 -5.96 0.21
N VAL A 108 32.92 -6.72 -0.52
CA VAL A 108 32.40 -7.56 -1.61
C VAL A 108 32.27 -9.01 -1.15
N THR A 109 31.08 -9.60 -1.31
CA THR A 109 30.91 -11.01 -0.97
C THR A 109 31.00 -11.90 -2.18
N SER A 110 30.61 -11.38 -3.33
CA SER A 110 30.51 -12.21 -4.52
C SER A 110 30.62 -11.40 -5.78
N TYR A 111 31.28 -11.97 -6.79
CA TYR A 111 31.39 -11.38 -8.11
C TYR A 111 30.29 -11.98 -8.97
N LEU A 112 29.44 -11.13 -9.54
CA LEU A 112 28.34 -11.64 -10.35
C LEU A 112 28.90 -12.02 -11.73
N THR A 113 29.36 -13.26 -11.82
CA THR A 113 30.19 -13.76 -12.92
C THR A 113 29.70 -13.43 -14.33
N ASP A 114 28.41 -13.61 -14.56
CA ASP A 114 27.86 -13.48 -15.90
C ASP A 114 27.79 -12.03 -16.37
N CYS A 115 28.24 -11.10 -15.53
CA CYS A 115 28.14 -9.68 -15.88
C CYS A 115 28.94 -9.33 -17.13
N GLU A 116 29.99 -10.10 -17.40
CA GLU A 116 30.81 -9.83 -18.58
C GLU A 116 30.04 -10.11 -19.87
N THR A 117 29.05 -11.00 -19.79
CA THR A 117 28.16 -11.26 -20.92
C THR A 117 27.05 -10.20 -21.00
N GLN A 118 26.55 -9.78 -19.85
CA GLN A 118 25.55 -8.72 -19.79
C GLN A 118 26.13 -7.45 -20.38
N LEU A 119 27.40 -7.22 -20.06
CA LEU A 119 28.16 -6.11 -20.60
C LEU A 119 28.03 -6.05 -22.12
N SER A 120 28.12 -7.22 -22.75
CA SER A 120 28.12 -7.34 -24.20
C SER A 120 26.72 -7.14 -24.80
N GLN A 121 25.69 -7.37 -24.00
CA GLN A 121 24.32 -7.34 -24.51
C GLN A 121 23.47 -6.22 -23.92
N ALA A 122 24.12 -5.27 -23.24
CA ALA A 122 23.40 -4.17 -22.61
C ALA A 122 22.64 -3.33 -23.63
N PRO A 123 21.32 -3.15 -23.42
CA PRO A 123 20.50 -2.34 -24.33
C PRO A 123 21.09 -0.95 -24.53
N ARG A 124 21.39 -0.65 -25.79
CA ARG A 124 22.18 0.50 -26.18
C ARG A 124 21.53 1.84 -25.86
N GLN A 125 20.20 1.88 -25.87
CA GLN A 125 19.48 3.11 -25.54
C GLN A 125 18.99 3.14 -24.10
N GLY A 126 19.43 2.18 -23.29
CA GLY A 126 19.08 2.17 -21.88
C GLY A 126 19.60 3.41 -21.18
N LEU A 127 18.84 3.90 -20.20
CA LEU A 127 19.23 5.09 -19.45
C LEU A 127 20.49 4.88 -18.61
N LEU A 128 20.85 3.62 -18.36
CA LEU A 128 22.05 3.29 -17.58
C LEU A 128 23.02 2.44 -18.39
N TYR A 129 22.97 2.59 -19.72
CA TYR A 129 23.84 1.80 -20.60
C TYR A 129 25.32 1.81 -20.17
N GLY A 130 25.86 0.62 -19.92
CA GLY A 130 27.26 0.46 -19.57
C GLY A 130 27.64 0.78 -18.13
N VAL A 131 26.67 1.17 -17.30
CA VAL A 131 26.98 1.55 -15.92
C VAL A 131 27.12 0.35 -14.99
N PRO A 132 28.31 0.14 -14.40
CA PRO A 132 28.44 -0.94 -13.42
C PRO A 132 27.67 -0.58 -12.16
N VAL A 133 26.87 -1.52 -11.64
CA VAL A 133 26.04 -1.25 -10.45
C VAL A 133 26.30 -2.31 -9.40
N SER A 134 26.49 -1.87 -8.16
CA SER A 134 26.70 -2.79 -7.06
C SER A 134 25.36 -3.08 -6.36
N LEU A 135 25.19 -4.31 -5.88
CA LEU A 135 23.94 -4.73 -5.26
C LEU A 135 24.14 -5.24 -3.84
N LYS A 136 23.35 -4.72 -2.90
CA LYS A 136 23.28 -5.32 -1.58
C LYS A 136 22.98 -6.82 -1.74
N GLU A 137 23.54 -7.65 -0.88
CA GLU A 137 23.47 -9.10 -1.08
C GLU A 137 22.04 -9.64 -1.12
N CYS A 138 21.09 -8.90 -0.55
CA CYS A 138 19.70 -9.36 -0.54
C CYS A 138 18.95 -9.24 -1.86
N PHE A 139 19.51 -8.52 -2.83
CA PHE A 139 18.91 -8.46 -4.15
C PHE A 139 19.20 -9.75 -4.92
N SER A 140 18.17 -10.59 -5.05
CA SER A 140 18.38 -11.91 -5.67
C SER A 140 19.00 -11.78 -7.04
N TYR A 141 20.02 -12.60 -7.28
CA TYR A 141 20.70 -12.62 -8.55
C TYR A 141 20.88 -14.07 -8.99
N LYS A 142 20.46 -14.38 -10.21
CA LYS A 142 20.45 -15.77 -10.65
C LYS A 142 21.78 -16.49 -10.39
N GLY A 143 21.70 -17.67 -9.77
CA GLY A 143 22.86 -18.53 -9.59
C GLY A 143 23.71 -18.19 -8.37
N HIS A 144 23.29 -17.17 -7.61
CA HIS A 144 24.04 -16.73 -6.44
C HIS A 144 23.22 -16.81 -5.16
N ASP A 145 23.87 -17.17 -4.06
CA ASP A 145 23.21 -17.13 -2.76
C ASP A 145 22.87 -15.70 -2.41
N SER A 146 21.80 -15.51 -1.63
CA SER A 146 21.63 -14.30 -0.85
C SER A 146 21.65 -14.78 0.60
N THR A 147 22.84 -14.87 1.18
CA THR A 147 22.97 -15.53 2.47
C THR A 147 22.42 -14.69 3.62
N LEU A 148 22.50 -13.37 3.48
CA LEU A 148 22.23 -12.47 4.59
C LEU A 148 23.14 -12.79 5.79
N GLY A 149 24.26 -13.47 5.53
CA GLY A 149 25.20 -13.85 6.57
C GLY A 149 24.71 -15.00 7.43
N LEU A 150 23.64 -15.66 6.99
CA LEU A 150 23.06 -16.75 7.77
C LEU A 150 23.38 -18.11 7.17
N SER A 151 23.80 -19.04 8.02
CA SER A 151 24.12 -20.40 7.59
CA SER A 151 24.13 -20.40 7.58
C SER A 151 22.99 -21.06 6.81
N LEU A 152 21.76 -20.85 7.26
CA LEU A 152 20.62 -21.52 6.63
C LEU A 152 20.39 -21.12 5.16
N ASN A 153 20.96 -19.99 4.75
CA ASN A 153 20.82 -19.51 3.37
C ASN A 153 22.04 -19.78 2.47
N GLU A 154 23.05 -20.44 3.02
CA GLU A 154 24.25 -20.76 2.24
C GLU A 154 23.96 -21.99 1.38
N GLY A 155 24.46 -22.00 0.15
CA GLY A 155 24.19 -23.10 -0.76
C GLY A 155 22.75 -23.16 -1.26
N MET A 156 22.09 -22.01 -1.31
CA MET A 156 20.72 -21.91 -1.83
C MET A 156 20.68 -20.81 -2.89
N PRO A 157 21.26 -21.07 -4.07
CA PRO A 157 21.35 -20.01 -5.09
C PRO A 157 19.98 -19.61 -5.62
N SER A 158 19.81 -18.33 -5.91
CA SER A 158 18.56 -17.83 -6.46
CA SER A 158 18.56 -17.83 -6.47
C SER A 158 18.30 -18.39 -7.86
N GLU A 159 17.05 -18.72 -8.14
CA GLU A 159 16.65 -19.24 -9.44
C GLU A 159 16.65 -18.15 -10.51
N SER A 160 16.48 -16.89 -10.09
CA SER A 160 16.34 -15.81 -11.04
C SER A 160 16.72 -14.45 -10.44
N ASP A 161 16.97 -13.47 -11.31
CA ASP A 161 17.21 -12.12 -10.83
C ASP A 161 15.91 -11.57 -10.27
N CYS A 162 16.01 -10.78 -9.20
CA CYS A 162 14.84 -10.07 -8.68
C CYS A 162 14.39 -9.01 -9.68
N VAL A 163 13.18 -8.51 -9.50
CA VAL A 163 12.61 -7.55 -10.46
C VAL A 163 13.49 -6.32 -10.69
N VAL A 164 13.97 -5.68 -9.62
CA VAL A 164 14.76 -4.46 -9.84
C VAL A 164 16.04 -4.75 -10.60
N VAL A 165 16.63 -5.93 -10.38
CA VAL A 165 17.82 -6.32 -11.13
C VAL A 165 17.49 -6.51 -12.61
N GLN A 166 16.35 -7.12 -12.89
CA GLN A 166 15.89 -7.26 -14.27
C GLN A 166 15.77 -5.90 -14.93
N VAL A 167 15.18 -4.93 -14.22
CA VAL A 167 14.96 -3.61 -14.78
C VAL A 167 16.29 -2.89 -15.01
N LEU A 168 17.20 -3.00 -14.03
CA LEU A 168 18.53 -2.41 -14.22
C LEU A 168 19.14 -2.90 -15.52
N LYS A 169 19.05 -4.20 -15.76
CA LYS A 169 19.65 -4.79 -16.95
C LYS A 169 18.95 -4.32 -18.22
N LEU A 170 17.63 -4.23 -18.17
CA LEU A 170 16.84 -3.73 -19.30
C LEU A 170 17.19 -2.29 -19.60
N GLN A 171 17.66 -1.55 -18.59
CA GLN A 171 18.14 -0.17 -18.79
C GLN A 171 19.63 -0.11 -19.12
N GLY A 172 20.22 -1.27 -19.39
CA GLY A 172 21.60 -1.32 -19.86
C GLY A 172 22.68 -1.32 -18.80
N ALA A 173 22.29 -1.35 -17.53
CA ALA A 173 23.27 -1.36 -16.45
C ALA A 173 23.89 -2.74 -16.31
N VAL A 174 25.04 -2.81 -15.65
CA VAL A 174 25.74 -4.07 -15.49
C VAL A 174 25.99 -4.35 -14.01
N PRO A 175 25.03 -5.02 -13.36
CA PRO A 175 25.26 -5.39 -11.96
C PRO A 175 26.49 -6.29 -11.86
N PHE A 176 27.41 -5.99 -10.96
CA PHE A 176 28.68 -6.69 -10.98
C PHE A 176 29.15 -7.31 -9.66
N VAL A 177 28.66 -6.81 -8.53
CA VAL A 177 29.01 -7.45 -7.25
C VAL A 177 27.82 -7.50 -6.29
N HIS A 178 27.82 -8.50 -5.42
CA HIS A 178 27.01 -8.47 -4.21
C HIS A 178 27.88 -7.93 -3.10
N THR A 179 27.32 -7.06 -2.25
CA THR A 179 28.07 -6.43 -1.17
C THR A 179 27.54 -6.85 0.20
N ASN A 180 28.41 -6.78 1.19
CA ASN A 180 28.18 -7.39 2.50
C ASN A 180 27.09 -6.70 3.32
N VAL A 181 26.48 -7.46 4.22
CA VAL A 181 25.47 -6.97 5.16
C VAL A 181 25.73 -7.59 6.54
N PRO A 182 25.27 -6.93 7.61
CA PRO A 182 25.33 -7.57 8.93
C PRO A 182 24.41 -8.79 8.92
N GLN A 183 24.75 -9.80 9.71
CA GLN A 183 23.98 -11.03 9.77
C GLN A 183 22.50 -10.75 10.02
N SER A 184 21.65 -11.22 9.10
CA SER A 184 20.18 -11.07 9.14
C SER A 184 19.69 -9.73 8.61
N MET A 185 20.62 -8.81 8.42
CA MET A 185 20.34 -7.41 8.08
C MET A 185 19.70 -6.58 9.19
N PHE A 186 19.37 -7.20 10.33
CA PHE A 186 18.73 -6.42 11.39
C PHE A 186 19.76 -5.73 12.30
N SER A 187 20.39 -4.69 11.76
CA SER A 187 21.56 -4.07 12.38
C SER A 187 21.97 -2.88 11.55
N TYR A 188 22.52 -1.83 12.17
CA TYR A 188 23.15 -0.77 11.39
C TYR A 188 24.68 -0.83 11.43
N ASP A 189 25.20 -2.01 11.73
CA ASP A 189 26.64 -2.30 11.56
C ASP A 189 26.75 -3.22 10.35
N CYS A 190 27.87 -3.91 10.19
CA CYS A 190 28.03 -4.71 8.96
C CYS A 190 28.99 -5.91 9.07
N SER A 191 28.68 -6.84 9.97
CA SER A 191 29.46 -8.08 10.08
C SER A 191 28.56 -9.31 10.14
N ASN A 192 29.03 -10.42 9.58
CA ASN A 192 28.35 -11.70 9.74
C ASN A 192 29.39 -12.82 9.81
N PRO A 193 28.99 -14.01 10.29
CA PRO A 193 29.96 -15.10 10.49
C PRO A 193 30.44 -15.76 9.20
N LEU A 194 29.81 -15.45 8.07
CA LEU A 194 30.22 -16.07 6.80
C LEU A 194 31.32 -15.26 6.13
N PHE A 195 31.06 -13.99 5.86
CA PHE A 195 32.03 -13.17 5.14
C PHE A 195 32.83 -12.22 6.03
N GLY A 196 32.45 -12.15 7.30
CA GLY A 196 33.20 -11.32 8.25
C GLY A 196 32.72 -9.89 8.28
N GLN A 197 33.60 -9.01 8.73
CA GLN A 197 33.24 -7.63 9.05
C GLN A 197 33.68 -6.64 7.98
N THR A 198 32.76 -5.78 7.57
CA THR A 198 33.06 -4.71 6.63
C THR A 198 33.51 -3.48 7.41
N MET A 199 34.55 -2.82 6.90
CA MET A 199 35.13 -1.67 7.57
C MET A 199 34.86 -0.37 6.81
N ASN A 200 34.73 0.73 7.55
CA ASN A 200 34.58 2.06 6.94
C ASN A 200 35.86 2.44 6.19
N PRO A 201 35.74 2.85 4.92
CA PRO A 201 36.94 3.21 4.14
C PRO A 201 37.65 4.46 4.66
N TRP A 202 36.96 5.29 5.44
CA TRP A 202 37.57 6.49 6.03
C TRP A 202 38.47 6.18 7.22
N LYS A 203 38.16 5.12 7.94
CA LYS A 203 38.90 4.76 9.16
C LYS A 203 38.55 3.33 9.51
N SER A 204 39.54 2.45 9.51
CA SER A 204 39.28 1.01 9.60
CA SER A 204 39.30 1.01 9.61
C SER A 204 38.68 0.55 10.93
N SER A 205 38.83 1.38 11.97
CA SER A 205 38.26 1.04 13.28
C SER A 205 36.78 1.39 13.34
N LYS A 206 36.28 2.05 12.30
CA LYS A 206 34.87 2.49 12.27
C LYS A 206 33.98 1.58 11.44
N SER A 207 32.72 1.53 11.86
CA SER A 207 31.67 0.88 11.08
C SER A 207 31.38 1.67 9.81
N PRO A 208 31.12 0.95 8.70
CA PRO A 208 30.64 1.62 7.49
C PRO A 208 29.15 1.91 7.59
N GLY A 209 28.54 1.53 8.72
CA GLY A 209 27.10 1.62 8.88
C GLY A 209 26.46 0.41 8.23
N GLY A 210 25.13 0.38 8.20
CA GLY A 210 24.42 -0.78 7.69
C GLY A 210 22.92 -0.57 7.81
N SER A 211 22.12 -1.54 7.39
CA SER A 211 22.62 -2.82 6.92
C SER A 211 23.19 -2.81 5.50
N SER A 212 22.99 -1.73 4.73
CA SER A 212 23.61 -1.65 3.39
C SER A 212 25.07 -1.21 3.48
N GLY A 213 25.83 -1.85 4.37
CA GLY A 213 27.16 -1.39 4.70
C GLY A 213 28.20 -1.63 3.62
N GLY A 214 28.12 -2.78 2.96
CA GLY A 214 29.03 -3.09 1.87
C GLY A 214 28.88 -2.07 0.76
N GLU A 215 27.64 -1.70 0.45
CA GLU A 215 27.38 -0.64 -0.53
C GLU A 215 28.03 0.68 -0.12
N GLY A 216 27.83 1.07 1.14
CA GLY A 216 28.40 2.31 1.62
C GLY A 216 29.92 2.33 1.48
N ALA A 217 30.57 1.23 1.87
CA ALA A 217 32.02 1.18 1.85
C ALA A 217 32.54 1.21 0.42
N LEU A 218 31.86 0.49 -0.47
CA LEU A 218 32.33 0.35 -1.84
C LEU A 218 32.16 1.65 -2.61
N ILE A 219 30.96 2.20 -2.56
CA ILE A 219 30.67 3.45 -3.26
C ILE A 219 31.48 4.59 -2.62
N GLY A 220 31.56 4.55 -1.29
CA GLY A 220 32.24 5.59 -0.54
C GLY A 220 33.73 5.65 -0.82
N SER A 221 34.29 4.54 -1.32
CA SER A 221 35.71 4.51 -1.62
C SER A 221 35.99 4.57 -3.14
N GLY A 222 34.94 4.73 -3.93
CA GLY A 222 35.07 4.94 -5.35
C GLY A 222 35.00 3.68 -6.19
N GLY A 223 34.62 2.57 -5.57
CA GLY A 223 34.62 1.27 -6.23
C GLY A 223 33.37 0.94 -7.01
N SER A 224 32.38 1.83 -6.94
CA SER A 224 31.12 1.68 -7.69
C SER A 224 30.44 3.03 -7.83
N PRO A 225 29.92 3.34 -9.02
CA PRO A 225 29.27 4.63 -9.24
C PRO A 225 27.82 4.65 -8.77
N LEU A 226 27.25 3.48 -8.54
CA LEU A 226 25.82 3.40 -8.22
C LEU A 226 25.52 2.05 -7.60
N GLY A 227 24.73 2.04 -6.54
CA GLY A 227 24.36 0.80 -5.89
C GLY A 227 22.92 0.83 -5.42
N LEU A 228 22.36 -0.34 -5.15
CA LEU A 228 21.04 -0.45 -4.53
C LEU A 228 21.15 -0.99 -3.11
N GLY A 229 20.42 -0.37 -2.18
CA GLY A 229 20.30 -0.87 -0.82
C GLY A 229 18.83 -1.03 -0.41
N THR A 230 18.62 -1.46 0.84
CA THR A 230 17.26 -1.54 1.39
C THR A 230 17.26 -0.91 2.76
N ASP A 231 16.08 -0.63 3.29
CA ASP A 231 15.99 0.25 4.45
C ASP A 231 14.66 0.00 5.15
N ILE A 232 14.71 -0.43 6.41
CA ILE A 232 13.49 -0.59 7.21
C ILE A 232 13.59 0.19 8.54
N GLY A 233 14.82 0.58 8.89
CA GLY A 233 15.04 1.38 10.09
C GLY A 233 16.16 2.40 9.89
N GLY A 234 16.63 2.53 8.65
CA GLY A 234 17.71 3.45 8.32
C GLY A 234 18.80 2.86 7.44
N SER A 235 18.62 1.61 6.98
CA SER A 235 19.72 0.86 6.35
C SER A 235 20.30 1.38 5.02
N ILE A 236 19.65 2.33 4.38
CA ILE A 236 20.26 3.06 3.26
C ILE A 236 20.96 4.31 3.78
N ARG A 237 20.35 4.92 4.78
CA ARG A 237 20.77 6.22 5.28
C ARG A 237 22.00 6.15 6.20
N PHE A 238 22.04 5.17 7.10
CA PHE A 238 23.22 5.00 7.96
C PHE A 238 24.52 4.83 7.16
N PRO A 239 24.57 3.85 6.24
CA PRO A 239 25.87 3.66 5.56
C PRO A 239 26.20 4.82 4.61
N SER A 240 25.18 5.43 4.03
CA SER A 240 25.44 6.61 3.21
C SER A 240 26.07 7.71 4.05
N ALA A 241 25.46 8.00 5.19
CA ALA A 241 25.99 9.03 6.09
C ALA A 241 27.38 8.67 6.64
N PHE A 242 27.53 7.43 7.10
CA PHE A 242 28.80 7.04 7.74
C PHE A 242 29.96 7.07 6.75
N CYS A 243 29.66 6.80 5.48
CA CYS A 243 30.70 6.69 4.44
C CYS A 243 30.78 7.91 3.54
N GLY A 244 29.97 8.93 3.81
CA GLY A 244 30.07 10.19 3.08
C GLY A 244 29.53 10.16 1.66
N ILE A 245 28.45 9.43 1.44
CA ILE A 245 27.79 9.39 0.13
C ILE A 245 26.30 9.75 0.27
N CYS A 246 25.60 9.79 -0.86
CA CYS A 246 24.16 10.13 -0.87
C CYS A 246 23.33 8.85 -0.96
N GLY A 247 22.16 8.87 -0.34
CA GLY A 247 21.26 7.73 -0.41
C GLY A 247 19.83 8.20 -0.29
N LEU A 248 18.91 7.48 -0.94
CA LEU A 248 17.49 7.80 -0.83
C LEU A 248 16.68 6.56 -0.48
N LYS A 249 15.87 6.67 0.57
CA LYS A 249 14.87 5.65 0.90
C LYS A 249 13.49 6.15 0.47
N PRO A 250 12.98 5.63 -0.65
CA PRO A 250 11.65 6.05 -1.10
C PRO A 250 10.56 5.55 -0.18
N THR A 251 9.35 6.03 -0.43
CA THR A 251 8.14 5.42 0.10
C THR A 251 8.22 3.92 -0.19
N GLY A 252 7.75 3.12 0.75
CA GLY A 252 7.94 1.67 0.68
C GLY A 252 7.54 1.03 -0.64
N ASN A 253 6.38 1.42 -1.15
CA ASN A 253 5.89 0.77 -2.36
C ASN A 253 6.13 1.56 -3.64
N ARG A 254 7.12 2.46 -3.64
CA ARG A 254 7.47 3.18 -4.87
C ARG A 254 8.21 2.25 -5.84
N LEU A 255 8.98 1.30 -5.31
CA LEU A 255 9.76 0.37 -6.13
C LEU A 255 9.42 -1.08 -5.76
N SER A 256 9.68 -2.01 -6.67
CA SER A 256 9.31 -3.42 -6.43
C SER A 256 10.23 -4.15 -5.46
N LYS A 257 9.66 -4.82 -4.47
CA LYS A 257 10.46 -5.64 -3.56
C LYS A 257 10.40 -7.11 -3.95
N SER A 258 9.86 -7.40 -5.13
CA SER A 258 9.75 -8.77 -5.58
C SER A 258 11.14 -9.40 -5.74
N GLY A 259 11.38 -10.53 -5.09
CA GLY A 259 12.66 -11.20 -5.20
C GLY A 259 13.74 -10.72 -4.24
N LEU A 260 13.39 -9.82 -3.32
CA LEU A 260 14.33 -9.45 -2.27
C LEU A 260 14.31 -10.52 -1.19
N LYS A 261 15.51 -10.99 -0.83
CA LYS A 261 15.66 -12.00 0.19
C LYS A 261 15.61 -11.36 1.57
N GLY A 262 14.78 -11.89 2.45
CA GLY A 262 14.65 -11.35 3.80
C GLY A 262 14.65 -12.42 4.87
N CYS A 263 14.45 -12.00 6.12
CA CYS A 263 14.44 -12.91 7.26
C CYS A 263 13.04 -13.18 7.78
N VAL A 264 12.17 -12.19 7.64
CA VAL A 264 10.82 -12.24 8.17
C VAL A 264 9.90 -11.89 7.02
N TYR A 265 8.82 -12.63 6.88
CA TYR A 265 7.88 -12.35 5.80
C TYR A 265 6.48 -12.09 6.32
N GLY A 266 5.76 -11.20 5.65
CA GLY A 266 4.38 -10.90 6.01
C GLY A 266 4.23 -9.82 7.07
N GLN A 267 5.33 -9.23 7.50
CA GLN A 267 5.26 -8.11 8.43
C GLN A 267 5.03 -6.85 7.60
N THR A 268 3.86 -6.23 7.76
CA THR A 268 3.50 -5.12 6.89
C THR A 268 3.23 -3.81 7.62
N ALA A 269 3.34 -3.83 8.95
CA ALA A 269 3.14 -2.64 9.77
C ALA A 269 4.22 -1.59 9.49
N VAL A 270 5.46 -2.04 9.45
CA VAL A 270 6.57 -1.17 9.05
C VAL A 270 7.13 -1.71 7.74
N GLN A 271 6.88 -1.00 6.64
CA GLN A 271 7.22 -1.48 5.31
C GLN A 271 8.71 -1.37 5.02
N LEU A 272 9.23 -2.34 4.29
CA LEU A 272 10.59 -2.28 3.79
C LEU A 272 10.64 -1.38 2.55
N SER A 273 11.75 -0.70 2.35
CA SER A 273 11.90 0.09 1.15
C SER A 273 13.25 -0.22 0.51
N LEU A 274 13.37 -0.01 -0.80
CA LEU A 274 14.65 -0.16 -1.48
CA LEU A 274 14.65 -0.16 -1.48
C LEU A 274 14.94 1.12 -2.22
N GLY A 275 16.22 1.41 -2.44
CA GLY A 275 16.58 2.65 -3.08
C GLY A 275 18.04 2.76 -3.42
N PRO A 276 18.39 3.81 -4.16
CA PRO A 276 19.76 4.02 -4.66
C PRO A 276 20.71 4.63 -3.64
N MET A 277 22.00 4.33 -3.81
CA MET A 277 23.10 4.98 -3.10
C MET A 277 24.11 5.37 -4.16
N ALA A 278 24.76 6.51 -4.02
CA ALA A 278 25.63 7.01 -5.07
C ALA A 278 26.44 8.18 -4.55
N ARG A 279 27.34 8.71 -5.36
CA ARG A 279 28.24 9.77 -4.85
C ARG A 279 27.60 11.16 -4.88
N ASP A 280 26.50 11.32 -5.61
CA ASP A 280 25.82 12.60 -5.67
C ASP A 280 24.31 12.43 -5.83
N VAL A 281 23.56 13.52 -5.70
CA VAL A 281 22.11 13.44 -5.70
C VAL A 281 21.59 13.15 -7.11
N GLU A 282 22.22 13.76 -8.11
CA GLU A 282 21.80 13.55 -9.49
C GLU A 282 21.83 12.07 -9.88
N SER A 283 22.80 11.32 -9.36
CA SER A 283 22.88 9.89 -9.61
C SER A 283 21.67 9.16 -9.04
N LEU A 284 21.23 9.56 -7.85
CA LEU A 284 20.06 8.95 -7.25
C LEU A 284 18.83 9.19 -8.13
N ALA A 285 18.70 10.42 -8.60
CA ALA A 285 17.57 10.80 -9.44
C ALA A 285 17.58 10.04 -10.77
N LEU A 286 18.75 9.87 -11.37
CA LEU A 286 18.84 9.11 -12.62
C LEU A 286 18.45 7.65 -12.37
N CYS A 287 18.98 7.08 -11.29
CA CYS A 287 18.64 5.70 -10.96
C CYS A 287 17.13 5.53 -10.75
N LEU A 288 16.53 6.43 -9.99
CA LEU A 288 15.08 6.34 -9.78
C LEU A 288 14.34 6.48 -11.10
N LYS A 289 14.77 7.43 -11.92
CA LYS A 289 14.11 7.68 -13.19
C LYS A 289 14.18 6.43 -14.08
N ALA A 290 15.34 5.77 -14.06
CA ALA A 290 15.55 4.55 -14.84
C ALA A 290 14.70 3.40 -14.34
N LEU A 291 14.57 3.30 -13.02
CA LEU A 291 13.78 2.21 -12.44
C LEU A 291 12.29 2.41 -12.63
N LEU A 292 11.83 3.67 -12.60
CA LEU A 292 10.39 3.94 -12.70
C LEU A 292 9.93 3.93 -14.16
N CYS A 293 10.02 2.77 -14.79
CA CYS A 293 9.71 2.65 -16.21
C CYS A 293 8.67 1.56 -16.41
N GLU A 294 8.16 1.47 -17.63
CA GLU A 294 7.14 0.49 -17.94
C GLU A 294 7.61 -0.92 -17.62
N HIS A 295 8.90 -1.20 -17.81
CA HIS A 295 9.44 -2.52 -17.50
C HIS A 295 9.15 -2.90 -16.05
N LEU A 296 9.45 -1.99 -15.13
CA LEU A 296 9.20 -2.26 -13.72
C LEU A 296 7.71 -2.45 -13.45
N PHE A 297 6.91 -1.55 -13.99
CA PHE A 297 5.48 -1.55 -13.69
C PHE A 297 4.78 -2.80 -14.25
N THR A 298 5.30 -3.34 -15.36
CA THR A 298 4.74 -4.56 -15.94
CA THR A 298 4.69 -4.55 -15.90
C THR A 298 5.21 -5.81 -15.21
N LEU A 299 6.50 -5.80 -14.84
CA LEU A 299 7.07 -6.95 -14.11
C LEU A 299 6.46 -7.10 -12.73
N ASP A 300 6.12 -5.98 -12.11
CA ASP A 300 5.46 -6.02 -10.81
C ASP A 300 4.28 -5.06 -10.77
N PRO A 301 3.11 -5.56 -11.20
CA PRO A 301 1.88 -4.77 -11.24
C PRO A 301 1.44 -4.29 -9.86
N THR A 302 2.00 -4.81 -8.78
CA THR A 302 1.57 -4.35 -7.45
C THR A 302 2.16 -2.99 -7.08
N VAL A 303 3.14 -2.53 -7.86
CA VAL A 303 3.73 -1.22 -7.65
C VAL A 303 2.93 -0.16 -8.43
N PRO A 304 2.51 0.91 -7.76
CA PRO A 304 1.76 1.92 -8.53
C PRO A 304 2.60 2.51 -9.66
N PRO A 305 2.04 2.63 -10.87
CA PRO A 305 2.83 3.03 -12.03
C PRO A 305 3.01 4.55 -12.08
N LEU A 306 3.75 5.06 -11.10
CA LEU A 306 4.01 6.49 -10.99
C LEU A 306 5.33 6.81 -11.64
N PRO A 307 5.30 7.46 -12.81
CA PRO A 307 6.56 7.80 -13.48
C PRO A 307 7.33 8.84 -12.69
N PHE A 308 8.63 8.90 -12.92
CA PHE A 308 9.47 9.91 -12.31
C PHE A 308 9.06 11.28 -12.86
N ARG A 309 8.58 12.17 -11.99
CA ARG A 309 8.15 13.50 -12.43
C ARG A 309 9.32 14.49 -12.51
N GLU A 310 9.86 14.62 -13.72
CA GLU A 310 11.06 15.42 -13.94
C GLU A 310 10.85 16.89 -13.57
N GLU A 311 9.66 17.39 -13.88
CA GLU A 311 9.36 18.80 -13.62
C GLU A 311 9.43 19.14 -12.12
N VAL A 312 9.01 18.20 -11.28
CA VAL A 312 9.09 18.41 -9.83
C VAL A 312 10.55 18.37 -9.37
N TYR A 313 11.29 17.36 -9.84
CA TYR A 313 12.68 17.21 -9.45
C TYR A 313 13.53 18.42 -9.85
N ARG A 314 13.23 18.98 -11.02
CA ARG A 314 14.03 20.07 -11.57
C ARG A 314 13.52 21.46 -11.18
N SER A 315 12.46 21.51 -10.40
CA SER A 315 11.91 22.78 -9.93
CA SER A 315 11.93 22.79 -9.97
C SER A 315 12.93 23.54 -9.10
N SER A 316 12.84 24.87 -9.14
CA SER A 316 13.77 25.68 -8.36
C SER A 316 13.03 26.72 -7.53
N ARG A 317 11.79 26.40 -7.16
CA ARG A 317 11.00 27.32 -6.33
C ARG A 317 11.49 27.36 -4.90
N PRO A 318 11.35 28.51 -4.24
CA PRO A 318 11.71 28.61 -2.82
C PRO A 318 10.87 27.62 -2.03
N LEU A 319 11.47 27.00 -1.03
CA LEU A 319 10.78 25.97 -0.25
C LEU A 319 10.45 26.42 1.17
N ARG A 320 9.34 25.92 1.69
CA ARG A 320 9.06 25.95 3.12
C ARG A 320 9.64 24.68 3.74
N VAL A 321 10.70 24.86 4.53
CA VAL A 321 11.48 23.75 5.05
C VAL A 321 11.29 23.67 6.56
N GLY A 322 10.61 22.63 7.02
CA GLY A 322 10.54 22.38 8.44
C GLY A 322 11.93 21.93 8.88
N TYR A 323 12.31 22.18 10.13
CA TYR A 323 13.59 21.65 10.59
C TYR A 323 13.63 21.43 12.11
N TYR A 324 14.48 20.51 12.54
CA TYR A 324 14.80 20.40 13.96
C TYR A 324 16.27 20.09 14.17
N GLU A 325 16.82 20.63 15.26
CA GLU A 325 18.23 20.43 15.59
C GLU A 325 18.42 19.15 16.40
N THR A 326 17.34 18.67 16.99
CA THR A 326 17.37 17.46 17.81
C THR A 326 15.98 16.86 17.87
N ASP A 327 15.90 15.54 17.98
CA ASP A 327 14.61 14.88 18.13
C ASP A 327 14.23 14.67 19.59
N ASN A 328 15.02 15.27 20.49
CA ASN A 328 14.80 15.12 21.93
C ASN A 328 14.81 13.66 22.38
N TYR A 329 15.44 12.80 21.58
CA TYR A 329 15.48 11.37 21.89
C TYR A 329 16.93 10.90 21.87
N THR A 330 17.57 11.09 20.73
CA THR A 330 19.02 10.92 20.63
C THR A 330 19.69 12.29 20.60
N MET A 331 20.39 12.66 21.66
CA MET A 331 21.13 13.91 21.64
CA MET A 331 21.15 13.91 21.64
C MET A 331 22.06 13.89 20.42
N PRO A 332 22.01 14.94 19.58
CA PRO A 332 22.90 14.94 18.42
C PRO A 332 24.34 15.12 18.84
N SER A 333 25.29 14.52 18.12
CA SER A 333 26.69 14.87 18.37
C SER A 333 26.85 16.34 18.03
N PRO A 334 27.90 16.97 18.58
CA PRO A 334 28.20 18.36 18.18
C PRO A 334 28.31 18.52 16.65
N ALA A 335 28.94 17.57 15.98
CA ALA A 335 29.05 17.64 14.51
C ALA A 335 27.68 17.56 13.83
N MET A 336 26.82 16.67 14.31
CA MET A 336 25.47 16.56 13.76
C MET A 336 24.72 17.88 13.89
N ARG A 337 24.82 18.51 15.06
CA ARG A 337 24.06 19.73 15.30
C ARG A 337 24.60 20.86 14.43
N ARG A 338 25.92 20.95 14.33
CA ARG A 338 26.54 21.99 13.51
C ARG A 338 26.15 21.82 12.04
N ALA A 339 26.21 20.58 11.55
CA ALA A 339 25.81 20.26 10.18
C ALA A 339 24.39 20.74 9.91
N LEU A 340 23.48 20.44 10.83
CA LEU A 340 22.09 20.81 10.69
C LEU A 340 21.94 22.33 10.67
N ILE A 341 22.56 23.00 11.63
CA ILE A 341 22.42 24.46 11.73
C ILE A 341 23.02 25.19 10.53
N GLU A 342 24.21 24.75 10.10
CA GLU A 342 24.85 25.37 8.94
C GLU A 342 24.01 25.20 7.67
N THR A 343 23.44 24.02 7.49
CA THR A 343 22.57 23.76 6.33
C THR A 343 21.34 24.66 6.38
N LYS A 344 20.72 24.72 7.55
CA LYS A 344 19.59 25.62 7.76
C LYS A 344 19.92 27.07 7.41
N GLN A 345 21.09 27.53 7.87
CA GLN A 345 21.52 28.89 7.58
C GLN A 345 21.75 29.15 6.09
N ARG A 346 22.38 28.20 5.41
CA ARG A 346 22.63 28.36 3.99
CA ARG A 346 22.63 28.32 3.98
C ARG A 346 21.33 28.33 3.19
N LEU A 347 20.38 27.49 3.61
CA LEU A 347 19.07 27.45 2.96
C LEU A 347 18.34 28.77 3.11
N GLU A 348 18.39 29.34 4.31
CA GLU A 348 17.75 30.63 4.54
C GLU A 348 18.39 31.71 3.68
N ALA A 349 19.72 31.72 3.62
CA ALA A 349 20.44 32.68 2.80
C ALA A 349 20.07 32.54 1.31
N ALA A 350 19.65 31.34 0.93
CA ALA A 350 19.26 31.09 -0.46
C ALA A 350 17.77 31.32 -0.73
N GLY A 351 17.07 31.91 0.22
CA GLY A 351 15.69 32.33 -0.01
C GLY A 351 14.61 31.37 0.45
N HIS A 352 15.01 30.25 1.07
CA HIS A 352 14.02 29.32 1.61
C HIS A 352 13.56 29.76 2.98
N THR A 353 12.37 29.33 3.38
CA THR A 353 11.82 29.67 4.68
C THR A 353 11.97 28.49 5.63
N LEU A 354 12.68 28.70 6.74
CA LEU A 354 12.99 27.62 7.66
C LEU A 354 12.09 27.69 8.88
N ILE A 355 11.34 26.62 9.11
CA ILE A 355 10.26 26.64 10.09
C ILE A 355 10.51 25.58 11.15
N PRO A 356 10.67 25.99 12.43
CA PRO A 356 10.89 24.98 13.47
C PRO A 356 9.75 23.97 13.47
N PHE A 357 10.07 22.67 13.46
CA PHE A 357 9.05 21.63 13.34
C PHE A 357 9.59 20.31 13.86
N LEU A 358 8.84 19.66 14.74
CA LEU A 358 9.23 18.32 15.21
C LEU A 358 8.00 17.43 15.23
N PRO A 359 8.03 16.32 14.49
CA PRO A 359 6.88 15.41 14.54
C PRO A 359 6.52 15.08 15.98
N ASN A 360 5.22 15.11 16.28
CA ASN A 360 4.74 14.81 17.62
C ASN A 360 4.95 13.35 18.02
N ASN A 361 5.06 13.10 19.33
CA ASN A 361 5.09 11.74 19.86
C ASN A 361 6.14 10.79 19.28
N ILE A 362 7.34 11.29 19.09
CA ILE A 362 8.44 10.45 18.61
C ILE A 362 8.71 9.22 19.50
N PRO A 363 8.71 9.39 20.84
CA PRO A 363 8.94 8.20 21.67
C PRO A 363 7.94 7.07 21.38
N TYR A 364 6.67 7.43 21.22
CA TYR A 364 5.63 6.47 20.84
C TYR A 364 5.92 5.82 19.50
N ALA A 365 6.27 6.65 18.53
CA ALA A 365 6.55 6.15 17.19
C ALA A 365 7.66 5.11 17.21
N LEU A 366 8.67 5.35 18.05
CA LEU A 366 9.84 4.46 18.08
C LEU A 366 9.63 3.24 18.96
N GLU A 367 9.16 3.48 20.18
CA GLU A 367 9.05 2.43 21.20
C GLU A 367 7.86 1.53 21.01
N VAL A 368 6.74 2.11 20.60
CA VAL A 368 5.50 1.34 20.50
C VAL A 368 5.21 0.95 19.06
N LEU A 369 5.15 1.92 18.16
CA LEU A 369 4.73 1.62 16.79
C LEU A 369 5.81 0.88 16.02
N SER A 370 7.02 1.44 16.01
CA SER A 370 8.11 0.83 15.22
C SER A 370 8.55 -0.51 15.81
N THR A 371 8.92 -0.48 17.08
CA THR A 371 9.40 -1.69 17.74
C THR A 371 8.31 -2.77 17.75
N GLY A 372 7.09 -2.37 18.07
CA GLY A 372 5.97 -3.31 18.07
C GLY A 372 5.66 -3.89 16.70
N GLY A 373 5.80 -3.06 15.67
CA GLY A 373 5.54 -3.49 14.31
C GLY A 373 6.60 -4.48 13.86
N LEU A 374 7.85 -4.20 14.22
CA LEU A 374 8.95 -5.07 13.80
C LEU A 374 8.97 -6.38 14.56
N PHE A 375 8.46 -6.36 15.78
CA PHE A 375 8.53 -7.53 16.65
C PHE A 375 7.18 -7.94 17.22
N SER A 376 6.13 -7.83 16.41
CA SER A 376 4.79 -8.16 16.89
C SER A 376 4.69 -9.56 17.45
N ASP A 377 5.50 -10.47 16.91
CA ASP A 377 5.45 -11.87 17.33
C ASP A 377 6.52 -12.21 18.36
N GLY A 378 7.07 -11.18 19.00
CA GLY A 378 8.07 -11.40 20.04
C GLY A 378 9.45 -11.75 19.52
N GLY A 379 9.58 -11.75 18.19
CA GLY A 379 10.83 -12.11 17.53
C GLY A 379 10.94 -13.57 17.12
N ARG A 380 9.87 -14.35 17.31
CA ARG A 380 9.95 -15.77 17.00
C ARG A 380 10.29 -16.08 15.55
N SER A 381 9.63 -15.39 14.61
CA SER A 381 9.88 -15.63 13.18
C SER A 381 11.32 -15.27 12.84
N PHE A 382 11.76 -14.14 13.35
CA PHE A 382 13.12 -13.66 13.14
C PHE A 382 14.13 -14.67 13.68
N LEU A 383 13.86 -15.17 14.88
CA LEU A 383 14.78 -16.07 15.56
C LEU A 383 14.98 -17.42 14.88
N GLN A 384 13.98 -17.86 14.10
CA GLN A 384 14.10 -19.13 13.39
C GLN A 384 15.35 -19.13 12.52
N ASN A 385 15.73 -17.95 12.04
CA ASN A 385 16.86 -17.81 11.14
C ASN A 385 18.19 -18.11 11.82
N PHE A 386 18.21 -18.02 13.14
CA PHE A 386 19.45 -18.16 13.91
C PHE A 386 19.60 -19.53 14.53
N LYS A 387 18.60 -20.38 14.39
CA LYS A 387 18.69 -21.71 14.98
C LYS A 387 19.90 -22.44 14.39
N GLY A 388 20.80 -22.87 15.27
CA GLY A 388 22.00 -23.58 14.86
C GLY A 388 23.14 -22.69 14.37
N ASP A 389 22.93 -21.38 14.36
CA ASP A 389 23.94 -20.48 13.80
C ASP A 389 24.75 -19.75 14.88
N PHE A 390 25.92 -19.26 14.51
CA PHE A 390 26.64 -18.33 15.35
C PHE A 390 25.87 -17.02 15.39
N VAL A 391 26.08 -16.22 16.42
CA VAL A 391 25.50 -14.89 16.47
C VAL A 391 26.64 -13.90 16.38
N ASP A 392 26.68 -13.12 15.30
CA ASP A 392 27.76 -12.17 15.11
C ASP A 392 27.81 -11.17 16.27
N PRO A 393 29.02 -10.88 16.76
CA PRO A 393 29.18 -9.91 17.84
C PRO A 393 28.55 -8.56 17.54
N CYS A 394 28.41 -8.20 16.27
CA CYS A 394 27.88 -6.87 15.93
C CYS A 394 26.39 -6.75 16.27
N LEU A 395 25.74 -7.88 16.48
CA LEU A 395 24.31 -7.88 16.85
C LEU A 395 24.12 -7.63 18.35
N GLY A 396 25.22 -7.60 19.10
CA GLY A 396 25.14 -7.36 20.53
C GLY A 396 24.29 -8.40 21.23
N ASP A 397 23.38 -7.96 22.10
CA ASP A 397 22.54 -8.88 22.87
C ASP A 397 21.15 -9.07 22.25
N LEU A 398 20.99 -8.64 21.00
CA LEU A 398 19.66 -8.70 20.38
C LEU A 398 19.03 -10.08 20.44
N ILE A 399 19.81 -11.09 20.05
CA ILE A 399 19.30 -12.45 19.99
C ILE A 399 18.95 -12.97 21.38
N LEU A 400 19.87 -12.77 22.32
CA LEU A 400 19.64 -13.19 23.69
C LEU A 400 18.38 -12.57 24.27
N ILE A 401 18.18 -11.28 24.01
CA ILE A 401 17.00 -10.58 24.50
C ILE A 401 15.70 -11.06 23.84
N LEU A 402 15.71 -11.20 22.52
CA LEU A 402 14.50 -11.65 21.82
C LEU A 402 14.04 -13.02 22.30
N ARG A 403 15.00 -13.86 22.68
CA ARG A 403 14.72 -15.23 23.09
C ARG A 403 14.06 -15.32 24.46
N LEU A 404 14.10 -14.23 25.22
CA LEU A 404 13.50 -14.24 26.55
C LEU A 404 12.00 -14.48 26.47
N PRO A 405 11.45 -15.28 27.41
CA PRO A 405 10.01 -15.54 27.50
C PRO A 405 9.26 -14.23 27.69
N SER A 406 8.04 -14.14 27.15
CA SER A 406 7.29 -12.89 27.19
C SER A 406 7.10 -12.40 28.62
N TRP A 407 6.83 -13.34 29.53
CA TRP A 407 6.62 -12.98 30.93
C TRP A 407 7.87 -12.33 31.52
N PHE A 408 9.03 -12.82 31.10
CA PHE A 408 10.30 -12.28 31.60
C PHE A 408 10.61 -10.91 30.99
N LYS A 409 10.35 -10.76 29.70
CA LYS A 409 10.50 -9.44 29.08
C LYS A 409 9.66 -8.43 29.85
N ARG A 410 8.46 -8.84 30.22
CA ARG A 410 7.54 -7.97 30.94
C ARG A 410 8.06 -7.64 32.33
N LEU A 411 8.46 -8.66 33.08
CA LEU A 411 9.00 -8.46 34.42
C LEU A 411 10.21 -7.54 34.39
N LEU A 412 11.16 -7.85 33.52
CA LEU A 412 12.39 -7.09 33.42
C LEU A 412 12.07 -5.64 33.04
N SER A 413 11.11 -5.48 32.14
CA SER A 413 10.66 -4.15 31.75
C SER A 413 10.16 -3.37 32.96
N LEU A 414 9.31 -4.00 33.78
CA LEU A 414 8.77 -3.36 34.97
C LEU A 414 9.89 -2.92 35.93
N LEU A 415 10.93 -3.74 36.06
CA LEU A 415 12.03 -3.42 36.96
C LEU A 415 12.90 -2.28 36.43
N LEU A 416 13.09 -2.23 35.12
CA LEU A 416 13.92 -1.21 34.51
C LEU A 416 13.22 0.14 34.43
N LYS A 417 11.89 0.12 34.42
CA LYS A 417 11.11 1.31 34.11
C LYS A 417 11.47 2.54 34.96
N PRO A 418 11.62 2.37 36.28
CA PRO A 418 11.92 3.53 37.13
C PRO A 418 13.27 4.16 36.82
N LEU A 419 14.25 3.34 36.48
CA LEU A 419 15.61 3.82 36.24
C LEU A 419 15.89 4.14 34.77
N PHE A 420 15.54 3.20 33.90
CA PHE A 420 15.83 3.34 32.47
C PHE A 420 14.59 3.10 31.64
N PRO A 421 13.70 4.09 31.58
CA PRO A 421 12.40 4.00 30.91
C PRO A 421 12.50 3.67 29.43
N ARG A 422 13.54 4.17 28.75
CA ARG A 422 13.70 3.88 27.34
C ARG A 422 13.98 2.39 27.12
N LEU A 423 14.87 1.81 27.91
CA LEU A 423 15.16 0.38 27.81
C LEU A 423 13.90 -0.44 28.13
N ALA A 424 13.21 -0.04 29.18
CA ALA A 424 11.99 -0.72 29.60
C ALA A 424 10.96 -0.70 28.49
N ALA A 425 10.85 0.44 27.81
CA ALA A 425 9.84 0.62 26.76
C ALA A 425 10.10 -0.29 25.58
N PHE A 426 11.35 -0.34 25.12
CA PHE A 426 11.67 -1.22 24.00
C PHE A 426 11.38 -2.68 24.38
N LEU A 427 11.83 -3.06 25.57
CA LEU A 427 11.67 -4.44 26.00
C LEU A 427 10.20 -4.86 26.05
N ASN A 428 9.36 -4.00 26.62
CA ASN A 428 7.95 -4.35 26.75
C ASN A 428 7.28 -4.51 25.39
N ASN A 429 7.76 -3.75 24.41
CA ASN A 429 7.13 -3.72 23.10
C ASN A 429 7.70 -4.74 22.12
N MET A 430 8.66 -5.52 22.59
CA MET A 430 9.19 -6.64 21.81
C MET A 430 8.54 -7.97 22.22
N ARG A 431 7.37 -7.90 22.86
CA ARG A 431 6.68 -9.11 23.27
C ARG A 431 5.70 -9.62 22.21
N PRO A 432 5.43 -10.93 22.20
CA PRO A 432 4.47 -11.50 21.26
C PRO A 432 3.05 -11.04 21.61
N ARG A 433 2.16 -11.03 20.63
CA ARG A 433 0.79 -10.59 20.89
C ARG A 433 -0.15 -11.26 19.90
N SER A 434 -1.45 -11.05 20.11
CA SER A 434 -2.48 -11.67 19.28
C SER A 434 -2.67 -10.92 17.97
N ALA A 435 -3.36 -11.55 17.03
CA ALA A 435 -3.74 -10.88 15.80
C ALA A 435 -4.63 -9.68 16.13
N GLU A 436 -5.50 -9.84 17.10
CA GLU A 436 -6.36 -8.74 17.54
C GLU A 436 -5.52 -7.52 17.90
N LYS A 437 -4.46 -7.75 18.68
CA LYS A 437 -3.59 -6.65 19.09
C LYS A 437 -2.78 -6.11 17.92
N LEU A 438 -2.39 -6.96 16.98
CA LEU A 438 -1.70 -6.46 15.78
C LEU A 438 -2.61 -5.54 14.96
N TRP A 439 -3.88 -5.89 14.79
CA TRP A 439 -4.78 -4.99 14.07
C TRP A 439 -4.82 -3.62 14.75
N LYS A 440 -4.91 -3.64 16.07
CA LYS A 440 -4.95 -2.39 16.84
C LYS A 440 -3.69 -1.58 16.57
N LEU A 441 -2.55 -2.25 16.61
CA LEU A 441 -1.27 -1.59 16.34
C LEU A 441 -1.24 -1.02 14.92
N GLN A 442 -1.68 -1.82 13.95
CA GLN A 442 -1.72 -1.37 12.56
CA GLN A 442 -1.69 -1.36 12.58
C GLN A 442 -2.58 -0.12 12.42
N HIS A 443 -3.73 -0.10 13.11
CA HIS A 443 -4.57 1.08 13.05
C HIS A 443 -3.86 2.29 13.67
N GLU A 444 -3.16 2.07 14.77
CA GLU A 444 -2.45 3.18 15.42
C GLU A 444 -1.37 3.75 14.49
N ILE A 445 -0.72 2.86 13.75
CA ILE A 445 0.31 3.30 12.79
C ILE A 445 -0.31 4.18 11.70
N GLU A 446 -1.49 3.77 11.22
CA GLU A 446 -2.22 4.52 10.22
CA GLU A 446 -2.23 4.51 10.22
C GLU A 446 -2.61 5.89 10.75
N MET A 447 -3.13 5.92 11.97
CA MET A 447 -3.57 7.18 12.57
CA MET A 447 -3.57 7.18 12.59
C MET A 447 -2.40 8.10 12.88
N TYR A 448 -1.28 7.51 13.29
CA TYR A 448 -0.10 8.32 13.62
C TYR A 448 0.40 8.98 12.34
N ARG A 449 0.36 8.24 11.24
CA ARG A 449 0.79 8.77 9.95
C ARG A 449 -0.08 9.98 9.58
N GLN A 450 -1.39 9.84 9.74
CA GLN A 450 -2.29 10.96 9.46
C GLN A 450 -2.06 12.13 10.43
N SER A 451 -1.69 11.83 11.67
CA SER A 451 -1.42 12.88 12.64
C SER A 451 -0.26 13.75 12.18
N VAL A 452 0.83 13.09 11.78
CA VAL A 452 2.03 13.85 11.40
C VAL A 452 1.77 14.59 10.08
N ILE A 453 1.05 13.96 9.17
CA ILE A 453 0.67 14.66 7.94
C ILE A 453 -0.13 15.91 8.26
N ALA A 454 -1.06 15.82 9.20
CA ALA A 454 -1.88 16.99 9.55
C ALA A 454 -1.01 18.08 10.19
N GLN A 455 -0.09 17.66 11.03
CA GLN A 455 0.82 18.59 11.69
C GLN A 455 1.66 19.34 10.64
N TRP A 456 2.13 18.58 9.67
CA TRP A 456 2.94 19.09 8.57
C TRP A 456 2.14 20.11 7.75
N LYS A 457 0.92 19.74 7.39
CA LYS A 457 0.07 20.60 6.58
C LYS A 457 -0.33 21.86 7.33
N ALA A 458 -0.46 21.76 8.65
CA ALA A 458 -0.78 22.94 9.47
C ALA A 458 0.30 24.01 9.41
N MET A 459 1.56 23.60 9.22
CA MET A 459 2.65 24.54 9.07
C MET A 459 2.96 24.81 7.60
N ASN A 460 2.12 24.24 6.73
CA ASN A 460 2.29 24.36 5.28
CA ASN A 460 2.30 24.39 5.29
C ASN A 460 3.71 24.06 4.81
N LEU A 461 4.28 22.96 5.30
CA LEU A 461 5.64 22.56 4.89
C LEU A 461 5.67 22.01 3.48
N ASP A 462 6.81 22.18 2.81
CA ASP A 462 7.08 21.46 1.58
C ASP A 462 7.94 20.24 1.89
N VAL A 463 8.96 20.45 2.72
CA VAL A 463 9.92 19.40 3.06
C VAL A 463 10.38 19.58 4.51
N LEU A 464 11.17 18.62 4.98
CA LEU A 464 11.63 18.64 6.36
C LEU A 464 13.11 18.30 6.42
N LEU A 465 13.88 19.10 7.16
CA LEU A 465 15.31 18.92 7.30
C LEU A 465 15.60 18.42 8.72
N THR A 466 16.36 17.34 8.86
CA THR A 466 16.62 16.78 10.19
C THR A 466 18.09 16.42 10.34
N PRO A 467 18.54 16.26 11.59
CA PRO A 467 19.88 15.70 11.79
C PRO A 467 19.92 14.27 11.26
N MET A 468 21.13 13.80 10.96
CA MET A 468 21.33 12.40 10.56
C MET A 468 22.45 11.87 11.42
N LEU A 469 22.28 10.66 11.96
CA LEU A 469 23.29 10.09 12.86
C LEU A 469 24.69 10.09 12.24
N GLY A 470 25.65 10.62 13.01
CA GLY A 470 27.05 10.63 12.63
C GLY A 470 27.85 11.38 13.68
N PRO A 471 29.18 11.28 13.61
CA PRO A 471 29.93 10.50 12.62
C PRO A 471 29.87 9.00 12.88
N ALA A 472 30.48 8.23 11.99
CA ALA A 472 30.45 6.77 12.09
C ALA A 472 30.85 6.28 13.47
N LEU A 473 30.08 5.33 14.01
CA LEU A 473 30.41 4.66 15.26
C LEU A 473 31.52 3.63 15.08
N ASP A 474 32.26 3.32 16.14
CA ASP A 474 33.22 2.21 16.10
C ASP A 474 32.55 0.90 15.71
N LEU A 475 33.34 0.01 15.10
CA LEU A 475 32.88 -1.34 14.83
C LEU A 475 32.23 -1.95 16.06
N ASN A 476 31.17 -2.72 15.83
CA ASN A 476 30.53 -3.50 16.88
C ASN A 476 29.86 -2.69 17.98
N THR A 477 29.63 -1.41 17.72
CA THR A 477 28.88 -0.58 18.67
C THR A 477 27.44 -0.23 18.25
N PRO A 478 27.14 -0.16 16.93
CA PRO A 478 25.72 0.07 16.62
C PRO A 478 24.78 -0.87 17.37
N GLY A 479 25.19 -2.13 17.53
CA GLY A 479 24.36 -3.12 18.17
C GLY A 479 24.15 -2.85 19.66
N ARG A 480 24.91 -1.90 20.20
CA ARG A 480 24.77 -1.56 21.61
C ARG A 480 24.27 -0.12 21.77
N ALA A 481 23.84 0.48 20.66
CA ALA A 481 23.33 1.86 20.66
C ALA A 481 22.03 1.93 19.87
N THR A 482 21.05 1.14 20.29
CA THR A 482 19.78 1.04 19.57
C THR A 482 19.02 2.36 19.50
N GLY A 483 19.11 3.15 20.56
CA GLY A 483 18.35 4.40 20.62
C GLY A 483 18.67 5.34 19.48
N ALA A 484 19.87 5.21 18.92
CA ALA A 484 20.36 6.13 17.91
C ALA A 484 19.72 5.93 16.54
N VAL A 485 18.86 4.92 16.41
CA VAL A 485 18.09 4.78 15.18
C VAL A 485 16.92 5.77 15.15
N SER A 486 16.78 6.59 16.18
CA SER A 486 15.62 7.48 16.27
C SER A 486 15.47 8.41 15.07
N TYR A 487 16.57 8.99 14.58
CA TYR A 487 16.51 9.94 13.47
C TYR A 487 16.00 9.35 12.19
N THR A 488 16.36 8.09 11.94
CA THR A 488 15.96 7.44 10.69
C THR A 488 14.68 6.61 10.82
N MET A 489 14.55 5.83 11.88
CA MET A 489 13.45 4.87 11.97
C MET A 489 12.10 5.59 12.01
N LEU A 490 12.09 6.83 12.49
CA LEU A 490 10.84 7.61 12.49
C LEU A 490 10.19 7.61 11.12
N TYR A 491 11.00 7.71 10.07
CA TYR A 491 10.44 7.86 8.72
C TYR A 491 10.16 6.54 8.03
N ASN A 492 10.66 5.44 8.59
CA ASN A 492 10.15 4.13 8.24
C ASN A 492 8.74 3.94 8.81
N CYS A 493 8.59 4.26 10.09
CA CYS A 493 7.28 4.17 10.74
C CYS A 493 6.25 5.00 9.97
N LEU A 494 6.62 6.22 9.60
CA LEU A 494 5.70 7.14 8.90
C LEU A 494 5.60 6.80 7.41
N ASP A 495 6.54 6.00 6.93
CA ASP A 495 6.67 5.70 5.50
C ASP A 495 6.65 6.99 4.63
N PHE A 496 7.58 7.89 4.93
CA PHE A 496 7.83 9.08 4.14
C PHE A 496 9.16 8.86 3.43
N PRO A 497 9.30 9.36 2.20
CA PRO A 497 10.63 9.32 1.58
C PRO A 497 11.63 10.18 2.37
N ALA A 498 12.84 9.65 2.52
CA ALA A 498 13.87 10.33 3.30
C ALA A 498 15.23 9.98 2.69
N GLY A 499 16.07 10.99 2.50
CA GLY A 499 17.40 10.74 1.96
C GLY A 499 18.44 11.48 2.75
N VAL A 500 19.71 11.14 2.53
CA VAL A 500 20.78 11.82 3.25
C VAL A 500 21.81 12.37 2.28
N VAL A 501 22.41 13.49 2.67
CA VAL A 501 23.43 14.19 1.88
C VAL A 501 24.60 14.56 2.81
N PRO A 502 25.85 14.27 2.39
CA PRO A 502 27.01 14.68 3.19
C PRO A 502 27.12 16.19 3.15
N VAL A 503 27.31 16.86 4.28
CA VAL A 503 27.43 18.31 4.25
C VAL A 503 28.67 18.88 4.95
N THR A 504 29.33 18.07 5.77
CA THR A 504 30.53 18.56 6.45
C THR A 504 31.39 17.40 6.93
N THR A 505 32.50 17.71 7.58
CA THR A 505 33.34 16.69 8.22
C THR A 505 33.61 17.11 9.66
N VAL A 506 33.86 16.12 10.52
CA VAL A 506 34.12 16.39 11.92
C VAL A 506 35.40 17.23 12.10
N THR A 507 35.28 18.36 12.80
CA THR A 507 36.44 19.18 13.11
C THR A 507 37.03 18.80 14.45
N ALA A 508 38.24 19.30 14.73
CA ALA A 508 38.84 19.08 16.03
C ALA A 508 37.91 19.57 17.14
N GLU A 509 37.26 20.70 16.91
CA GLU A 509 36.35 21.26 17.91
C GLU A 509 35.12 20.35 18.12
N ASP A 510 34.51 19.89 17.02
CA ASP A 510 33.38 18.97 17.10
C ASP A 510 33.75 17.78 17.98
N ASP A 511 34.94 17.27 17.72
CA ASP A 511 35.42 16.04 18.35
C ASP A 511 35.68 16.27 19.83
N ALA A 512 36.28 17.42 20.16
CA ALA A 512 36.53 17.78 21.55
C ALA A 512 35.23 17.95 22.33
N GLN A 513 34.24 18.55 21.70
CA GLN A 513 32.95 18.79 22.35
C GLN A 513 32.21 17.49 22.64
N MET A 514 32.49 16.47 21.83
CA MET A 514 31.87 15.17 22.01
C MET A 514 32.23 14.61 23.38
N GLU A 515 33.39 15.01 23.88
CA GLU A 515 33.84 14.50 25.17
C GLU A 515 32.91 14.93 26.31
N LEU A 516 32.08 15.94 26.06
CA LEU A 516 31.13 16.43 27.06
C LEU A 516 29.70 15.90 26.84
N TYR A 517 29.53 15.05 25.83
CA TYR A 517 28.20 14.53 25.47
C TYR A 517 27.56 13.77 26.63
N LYS A 518 26.28 14.04 26.90
CA LYS A 518 25.59 13.37 28.01
C LYS A 518 24.40 12.48 27.61
N GLY A 519 23.70 12.86 26.54
CA GLY A 519 22.48 12.16 26.16
C GLY A 519 21.32 12.61 27.02
N TYR A 520 20.10 12.32 26.57
CA TYR A 520 18.90 12.74 27.30
C TYR A 520 18.49 11.75 28.38
N PHE A 521 18.98 10.51 28.27
CA PHE A 521 18.53 9.45 29.17
C PHE A 521 19.59 8.97 30.14
N GLY A 522 20.84 9.02 29.72
CA GLY A 522 21.94 8.55 30.54
C GLY A 522 21.92 7.05 30.74
N ASP A 523 21.25 6.33 29.84
CA ASP A 523 21.23 4.86 29.91
C ASP A 523 22.39 4.29 29.09
N ILE A 524 22.52 2.97 29.06
CA ILE A 524 23.66 2.36 28.38
C ILE A 524 23.80 2.79 26.92
N TRP A 525 22.67 3.04 26.25
CA TRP A 525 22.71 3.46 24.86
C TRP A 525 23.37 4.84 24.68
N ASP A 526 23.08 5.75 25.60
CA ASP A 526 23.68 7.09 25.56
C ASP A 526 25.17 7.00 25.88
N ILE A 527 25.49 6.16 26.85
CA ILE A 527 26.88 6.00 27.27
C ILE A 527 27.77 5.40 26.19
N ILE A 528 27.26 4.37 25.52
CA ILE A 528 27.96 3.74 24.40
C ILE A 528 28.21 4.72 23.24
N LEU A 529 27.18 5.47 22.87
CA LEU A 529 27.30 6.38 21.72
C LEU A 529 28.48 7.33 21.88
N LYS A 530 28.67 7.85 23.08
CA LYS A 530 29.75 8.78 23.36
C LYS A 530 31.12 8.17 23.11
N LYS A 531 31.33 6.97 23.65
CA LYS A 531 32.57 6.24 23.43
C LYS A 531 32.75 5.86 21.97
N ALA A 532 31.64 5.46 21.34
CA ALA A 532 31.66 4.94 19.98
C ALA A 532 31.99 6.00 18.93
N MET A 533 31.73 7.26 19.26
CA MET A 533 32.04 8.35 18.35
C MET A 533 33.38 9.03 18.63
N LYS A 534 34.13 8.51 19.58
CA LYS A 534 35.46 9.04 19.90
C LYS A 534 36.35 8.97 18.66
N ASN A 535 37.32 9.88 18.56
CA ASN A 535 38.34 9.81 17.53
C ASN A 535 37.75 9.85 16.12
N SER A 536 37.02 10.92 15.81
CA SER A 536 36.30 10.99 14.55
C SER A 536 36.69 12.19 13.68
N VAL A 537 37.76 12.88 14.02
CA VAL A 537 38.14 14.04 13.22
C VAL A 537 38.28 13.64 11.76
N GLY A 538 37.67 14.42 10.86
CA GLY A 538 37.79 14.18 9.43
C GLY A 538 36.70 13.31 8.82
N LEU A 539 35.87 12.69 9.65
CA LEU A 539 34.84 11.79 9.15
C LEU A 539 33.64 12.58 8.63
N PRO A 540 32.94 12.02 7.63
CA PRO A 540 31.81 12.76 7.05
C PRO A 540 30.58 12.79 7.96
N VAL A 541 29.82 13.89 7.87
CA VAL A 541 28.58 14.05 8.61
C VAL A 541 27.52 14.56 7.64
N ALA A 542 26.30 14.05 7.77
CA ALA A 542 25.23 14.33 6.82
C ALA A 542 24.06 15.04 7.50
N VAL A 543 23.11 15.47 6.69
CA VAL A 543 21.77 15.79 7.18
C VAL A 543 20.76 14.92 6.43
N GLN A 544 19.53 14.90 6.93
CA GLN A 544 18.46 14.11 6.33
C GLN A 544 17.38 15.02 5.77
N CYS A 545 16.88 14.65 4.59
CA CYS A 545 15.87 15.41 3.86
C CYS A 545 14.65 14.53 3.70
N VAL A 546 13.49 15.07 4.05
CA VAL A 546 12.24 14.29 4.08
C VAL A 546 11.15 15.01 3.31
N ALA A 547 10.32 14.26 2.60
CA ALA A 547 9.09 14.82 2.01
C ALA A 547 7.91 13.91 2.33
N LEU A 548 6.71 14.28 1.87
CA LEU A 548 5.53 13.46 2.12
C LEU A 548 5.54 12.17 1.29
N PRO A 549 4.71 11.18 1.69
CA PRO A 549 4.61 9.96 0.88
C PRO A 549 4.45 10.24 -0.62
N TRP A 550 5.19 9.46 -1.41
CA TRP A 550 5.15 9.53 -2.87
C TRP A 550 5.81 10.77 -3.45
N GLN A 551 6.47 11.56 -2.63
CA GLN A 551 7.10 12.76 -3.16
CA GLN A 551 7.11 12.79 -3.08
C GLN A 551 8.62 12.61 -3.20
N GLU A 552 9.05 11.50 -3.82
CA GLU A 552 10.48 11.25 -3.99
C GLU A 552 11.15 12.34 -4.83
N GLU A 553 10.45 12.81 -5.86
CA GLU A 553 11.01 13.84 -6.73
C GLU A 553 11.29 15.13 -5.95
N LEU A 554 10.36 15.53 -5.10
CA LEU A 554 10.51 16.74 -4.30
C LEU A 554 11.59 16.53 -3.23
N CYS A 555 11.62 15.33 -2.66
CA CYS A 555 12.69 15.01 -1.72
C CYS A 555 14.07 15.15 -2.38
N LEU A 556 14.21 14.61 -3.59
CA LEU A 556 15.48 14.73 -4.32
C LEU A 556 15.78 16.16 -4.73
N ARG A 557 14.75 16.92 -5.11
CA ARG A 557 14.94 18.35 -5.42
C ARG A 557 15.53 19.09 -4.22
N PHE A 558 15.05 18.75 -3.03
CA PHE A 558 15.52 19.38 -1.80
C PHE A 558 16.95 18.90 -1.49
N MET A 559 17.20 17.60 -1.63
CA MET A 559 18.56 17.06 -1.48
C MET A 559 19.55 17.76 -2.42
N ARG A 560 19.14 17.98 -3.66
CA ARG A 560 20.01 18.67 -4.61
C ARG A 560 20.35 20.07 -4.10
N GLU A 561 19.36 20.77 -3.56
CA GLU A 561 19.58 22.10 -3.00
C GLU A 561 20.62 22.04 -1.89
N VAL A 562 20.46 21.09 -0.98
CA VAL A 562 21.41 20.97 0.12
C VAL A 562 22.82 20.71 -0.42
N GLU A 563 22.90 19.83 -1.42
CA GLU A 563 24.18 19.52 -2.04
C GLU A 563 24.84 20.73 -2.70
N GLN A 564 24.04 21.53 -3.40
CA GLN A 564 24.55 22.74 -4.05
C GLN A 564 25.08 23.76 -3.05
N LEU A 565 24.43 23.85 -1.90
CA LEU A 565 24.79 24.86 -0.91
C LEU A 565 25.95 24.43 -0.01
N MET A 566 25.97 23.15 0.37
CA MET A 566 26.93 22.67 1.35
C MET A 566 28.20 22.07 0.75
N THR A 567 28.10 21.64 -0.51
CA THR A 567 29.28 21.16 -1.23
C THR A 567 29.30 21.78 -2.61
N PRO A 568 29.56 23.10 -2.66
CA PRO A 568 29.46 23.92 -3.89
C PRO A 568 30.46 23.51 -4.97
N GLN A 569 31.51 22.80 -4.59
CA GLN A 569 32.54 22.42 -5.56
C GLN A 569 32.35 20.98 -6.05
N LYS A 570 31.28 20.33 -5.60
CA LYS A 570 30.96 18.99 -6.04
C LYS A 570 30.74 18.97 -7.55
N GLN A 571 31.59 18.21 -8.24
CA GLN A 571 31.56 18.13 -9.69
C GLN A 571 30.16 17.88 -10.22
N PRO A 572 29.71 18.71 -11.18
CA PRO A 572 28.37 18.57 -11.77
C PRO A 572 28.10 17.14 -12.23
N GLY B 27 -30.22 -6.12 28.49
CA GLY B 27 -31.53 -5.78 27.96
C GLY B 27 -31.46 -5.15 26.58
N ARG B 28 -32.59 -4.59 26.14
CA ARG B 28 -32.68 -4.02 24.80
C ARG B 28 -33.24 -2.59 24.78
N GLN B 29 -33.37 -1.95 25.94
CA GLN B 29 -33.90 -0.60 25.93
C GLN B 29 -32.96 0.39 25.23
N LYS B 30 -31.65 0.17 25.36
CA LYS B 30 -30.70 1.01 24.63
C LYS B 30 -30.91 0.91 23.12
N ALA B 31 -30.99 -0.32 22.60
CA ALA B 31 -31.20 -0.53 21.17
C ALA B 31 -32.54 0.00 20.69
N ARG B 32 -33.60 -0.22 21.48
CA ARG B 32 -34.91 0.32 21.13
C ARG B 32 -34.90 1.83 21.05
N GLY B 33 -34.23 2.48 22.01
CA GLY B 33 -34.16 3.93 22.02
C GLY B 33 -33.43 4.45 20.80
N ALA B 34 -32.33 3.78 20.43
CA ALA B 34 -31.56 4.21 19.28
C ALA B 34 -32.43 4.11 18.03
N ALA B 35 -33.21 3.04 17.92
CA ALA B 35 -34.02 2.84 16.73
C ALA B 35 -35.10 3.91 16.67
N THR B 36 -35.71 4.20 17.81
CA THR B 36 -36.71 5.27 17.87
C THR B 36 -36.14 6.60 17.41
N ARG B 37 -34.97 6.98 17.93
CA ARG B 37 -34.35 8.23 17.53
C ARG B 37 -33.95 8.25 16.06
N ALA B 38 -33.38 7.14 15.59
CA ALA B 38 -32.94 7.06 14.20
C ALA B 38 -34.13 7.20 13.24
N ARG B 39 -35.23 6.51 13.57
CA ARG B 39 -36.41 6.58 12.72
C ARG B 39 -37.01 7.99 12.72
N GLN B 40 -36.92 8.68 13.85
CA GLN B 40 -37.42 10.05 13.90
C GLN B 40 -36.56 10.95 13.02
N LYS B 41 -35.25 10.76 13.03
CA LYS B 41 -34.36 11.59 12.23
C LYS B 41 -34.58 11.34 10.73
N GLN B 42 -34.78 10.07 10.38
CA GLN B 42 -35.01 9.70 9.00
C GLN B 42 -36.33 10.30 8.53
N ARG B 43 -37.35 10.21 9.38
CA ARG B 43 -38.66 10.74 9.05
C ARG B 43 -38.58 12.25 8.80
N ALA B 44 -37.88 12.94 9.69
CA ALA B 44 -37.70 14.39 9.60
C ALA B 44 -36.90 14.78 8.34
N SER B 45 -35.87 13.99 8.01
CA SER B 45 -35.14 14.22 6.77
C SER B 45 -36.03 14.15 5.54
N LEU B 46 -36.85 13.12 5.47
CA LEU B 46 -37.70 12.92 4.31
C LEU B 46 -38.73 14.05 4.21
N GLU B 47 -39.20 14.51 5.36
CA GLU B 47 -40.18 15.59 5.40
C GLU B 47 -39.55 16.90 4.91
N THR B 48 -38.31 17.15 5.35
CA THR B 48 -37.55 18.30 4.86
C THR B 48 -37.38 18.24 3.35
N MET B 49 -37.06 17.05 2.82
CA MET B 49 -36.94 16.86 1.38
C MET B 49 -38.25 17.18 0.67
N ASP B 50 -39.33 16.60 1.17
CA ASP B 50 -40.66 16.83 0.61
C ASP B 50 -40.97 18.33 0.54
N LYS B 51 -40.72 19.04 1.64
CA LYS B 51 -40.98 20.48 1.67
C LYS B 51 -40.17 21.23 0.61
N ALA B 52 -38.88 20.89 0.52
CA ALA B 52 -38.01 21.57 -0.43
C ALA B 52 -38.42 21.29 -1.87
N VAL B 53 -38.78 20.04 -2.15
CA VAL B 53 -39.21 19.64 -3.48
C VAL B 53 -40.50 20.35 -3.89
N GLN B 54 -41.49 20.38 -2.99
CA GLN B 54 -42.77 21.01 -3.35
C GLN B 54 -42.58 22.50 -3.59
N ARG B 55 -41.74 23.12 -2.77
CA ARG B 55 -41.47 24.54 -2.89
C ARG B 55 -40.89 24.81 -4.26
N PHE B 56 -39.90 24.01 -4.65
CA PHE B 56 -39.24 24.22 -5.94
C PHE B 56 -40.21 24.00 -7.11
N ARG B 57 -40.99 22.94 -7.05
CA ARG B 57 -41.90 22.61 -8.15
C ARG B 57 -42.91 23.70 -8.42
N LEU B 58 -43.39 24.34 -7.38
CA LEU B 58 -44.37 25.41 -7.56
C LEU B 58 -43.77 26.61 -8.31
N GLN B 59 -42.46 26.78 -8.20
CA GLN B 59 -41.78 27.88 -8.89
C GLN B 59 -41.38 27.50 -10.31
N ASN B 60 -41.50 26.22 -10.63
CA ASN B 60 -41.01 25.68 -11.91
C ASN B 60 -41.98 24.69 -12.54
N PRO B 61 -43.24 25.10 -12.73
CA PRO B 61 -44.27 24.17 -13.17
C PRO B 61 -44.05 23.63 -14.59
N ASP B 62 -43.28 24.36 -15.40
CA ASP B 62 -43.08 23.96 -16.79
C ASP B 62 -41.86 23.07 -17.02
N LEU B 63 -41.01 22.93 -16.01
CA LEU B 63 -39.78 22.14 -16.15
C LEU B 63 -40.08 20.71 -16.58
N ASP B 64 -39.39 20.23 -17.61
CA ASP B 64 -39.55 18.85 -18.06
C ASP B 64 -38.67 17.94 -17.22
N SER B 65 -39.20 17.51 -16.08
CA SER B 65 -38.42 16.75 -15.11
C SER B 65 -38.03 15.38 -15.64
N GLU B 66 -38.94 14.75 -16.38
CA GLU B 66 -38.64 13.45 -16.95
C GLU B 66 -37.43 13.51 -17.88
N ALA B 67 -37.39 14.54 -18.71
CA ALA B 67 -36.30 14.71 -19.66
C ALA B 67 -34.98 14.94 -18.92
N LEU B 68 -35.04 15.70 -17.84
CA LEU B 68 -33.85 15.98 -17.04
C LEU B 68 -33.36 14.70 -16.37
N LEU B 69 -34.29 13.97 -15.75
CA LEU B 69 -33.93 12.74 -15.03
C LEU B 69 -33.39 11.65 -15.95
N THR B 70 -33.73 11.70 -17.22
CA THR B 70 -33.32 10.61 -18.11
C THR B 70 -32.05 10.92 -18.89
N LEU B 71 -31.56 12.16 -18.80
CA LEU B 71 -30.29 12.51 -19.43
C LEU B 71 -29.17 11.68 -18.85
N PRO B 72 -28.36 11.06 -19.71
CA PRO B 72 -27.16 10.40 -19.16
C PRO B 72 -26.28 11.44 -18.46
N LEU B 73 -25.58 11.02 -17.41
CA LEU B 73 -24.78 11.94 -16.62
C LEU B 73 -23.85 12.83 -17.43
N LEU B 74 -23.17 12.29 -18.43
CA LEU B 74 -22.25 13.11 -19.21
CA LEU B 74 -22.26 13.08 -19.26
C LEU B 74 -22.97 14.28 -19.87
N GLN B 75 -24.19 14.05 -20.37
CA GLN B 75 -24.96 15.12 -20.98
C GLN B 75 -25.50 16.08 -19.92
N LEU B 76 -25.92 15.55 -18.78
CA LEU B 76 -26.34 16.38 -17.66
C LEU B 76 -25.20 17.32 -17.25
N VAL B 77 -23.99 16.77 -17.15
CA VAL B 77 -22.83 17.57 -16.76
C VAL B 77 -22.54 18.66 -17.82
N GLN B 78 -22.66 18.30 -19.08
CA GLN B 78 -22.44 19.27 -20.15
C GLN B 78 -23.42 20.44 -20.06
N LYS B 79 -24.68 20.14 -19.80
CA LYS B 79 -25.71 21.18 -19.73
C LYS B 79 -25.55 22.04 -18.48
N LEU B 80 -25.11 21.45 -17.38
CA LEU B 80 -24.77 22.21 -16.19
C LEU B 80 -23.58 23.13 -16.46
N GLN B 81 -22.56 22.60 -17.13
CA GLN B 81 -21.36 23.38 -17.38
C GLN B 81 -21.63 24.56 -18.32
N SER B 82 -22.56 24.38 -19.25
CA SER B 82 -22.87 25.41 -20.23
C SER B 82 -23.87 26.43 -19.70
N GLY B 83 -24.59 26.06 -18.64
CA GLY B 83 -25.62 26.91 -18.09
C GLY B 83 -27.00 26.63 -18.66
N GLU B 84 -27.11 25.66 -19.55
CA GLU B 84 -28.41 25.29 -20.11
C GLU B 84 -29.36 24.77 -19.04
N LEU B 85 -28.82 24.03 -18.07
CA LEU B 85 -29.58 23.64 -16.91
C LEU B 85 -28.97 24.30 -15.68
N SER B 86 -29.80 24.79 -14.79
CA SER B 86 -29.31 25.39 -13.55
C SER B 86 -29.03 24.28 -12.55
N PRO B 87 -28.07 24.51 -11.64
CA PRO B 87 -27.81 23.55 -10.56
C PRO B 87 -29.06 23.33 -9.72
N GLU B 88 -29.86 24.37 -9.51
CA GLU B 88 -31.08 24.21 -8.74
C GLU B 88 -32.08 23.28 -9.42
N ALA B 89 -32.30 23.46 -10.72
CA ALA B 89 -33.23 22.60 -11.46
C ALA B 89 -32.81 21.14 -11.35
N VAL B 90 -31.51 20.90 -11.55
CA VAL B 90 -31.03 19.53 -11.49
C VAL B 90 -31.15 18.96 -10.07
N PHE B 91 -30.71 19.73 -9.08
CA PHE B 91 -30.73 19.26 -7.69
C PHE B 91 -32.14 18.92 -7.22
N PHE B 92 -33.06 19.87 -7.36
CA PHE B 92 -34.39 19.66 -6.80
C PHE B 92 -35.20 18.64 -7.58
N THR B 93 -34.87 18.48 -8.86
CA THR B 93 -35.56 17.46 -9.65
C THR B 93 -35.11 16.07 -9.19
N TYR B 94 -33.79 15.89 -9.00
CA TYR B 94 -33.30 14.62 -8.46
C TYR B 94 -33.78 14.40 -7.03
N LEU B 95 -33.84 15.47 -6.25
CA LEU B 95 -34.27 15.33 -4.86
C LEU B 95 -35.70 14.80 -4.81
N GLY B 96 -36.54 15.30 -5.71
CA GLY B 96 -37.92 14.87 -5.78
C GLY B 96 -38.01 13.41 -6.19
N LYS B 97 -37.20 13.03 -7.17
CA LYS B 97 -37.18 11.65 -7.62
C LYS B 97 -36.69 10.74 -6.49
N ALA B 98 -35.64 11.15 -5.80
CA ALA B 98 -35.12 10.36 -4.69
C ALA B 98 -36.19 10.13 -3.61
N TRP B 99 -36.91 11.20 -3.28
CA TRP B 99 -37.96 11.11 -2.27
C TRP B 99 -39.04 10.13 -2.71
N GLU B 100 -39.40 10.19 -3.99
CA GLU B 100 -40.44 9.34 -4.54
C GLU B 100 -40.02 7.86 -4.55
N VAL B 101 -38.82 7.59 -5.05
CA VAL B 101 -38.38 6.20 -5.16
C VAL B 101 -38.14 5.59 -3.79
N ASN B 102 -37.78 6.44 -2.82
CA ASN B 102 -37.58 5.95 -1.46
C ASN B 102 -38.86 5.36 -0.85
N LYS B 103 -40.01 5.83 -1.31
CA LYS B 103 -41.26 5.32 -0.73
C LYS B 103 -41.36 3.81 -0.83
N GLY B 104 -40.89 3.26 -1.95
CA GLY B 104 -41.01 1.84 -2.18
C GLY B 104 -39.74 1.03 -1.93
N THR B 105 -38.65 1.72 -1.59
CA THR B 105 -37.37 1.04 -1.41
C THR B 105 -36.72 1.25 -0.04
N ASN B 106 -37.06 2.35 0.62
CA ASN B 106 -36.45 2.69 1.92
C ASN B 106 -34.92 2.66 1.81
N CYS B 107 -34.39 3.41 0.86
CA CYS B 107 -32.95 3.47 0.64
C CYS B 107 -32.27 4.68 1.27
N VAL B 108 -33.05 5.70 1.63
CA VAL B 108 -32.47 6.93 2.18
C VAL B 108 -32.55 6.94 3.70
N THR B 109 -31.42 7.15 4.38
CA THR B 109 -31.43 7.26 5.84
C THR B 109 -31.41 8.69 6.32
N SER B 110 -30.75 9.57 5.58
CA SER B 110 -30.58 10.96 6.00
C SER B 110 -30.44 11.91 4.82
N TYR B 111 -31.10 13.06 4.93
CA TYR B 111 -30.92 14.14 3.98
C TYR B 111 -29.79 15.03 4.48
N LEU B 112 -28.77 15.24 3.64
CA LEU B 112 -27.61 16.00 4.05
C LEU B 112 -27.97 17.48 3.94
N THR B 113 -28.55 17.99 5.02
CA THR B 113 -29.26 19.27 5.03
C THR B 113 -28.49 20.43 4.42
N ASP B 114 -27.20 20.54 4.75
CA ASP B 114 -26.42 21.69 4.30
C ASP B 114 -26.13 21.66 2.81
N CYS B 115 -26.63 20.65 2.10
CA CYS B 115 -26.29 20.52 0.70
C CYS B 115 -26.83 21.68 -0.13
N GLU B 116 -27.94 22.28 0.31
CA GLU B 116 -28.49 23.42 -0.42
C GLU B 116 -27.54 24.62 -0.37
N THR B 117 -26.70 24.70 0.66
CA THR B 117 -25.67 25.74 0.71
C THR B 117 -24.49 25.40 -0.22
N GLN B 118 -24.06 24.14 -0.23
CA GLN B 118 -23.02 23.70 -1.14
CA GLN B 118 -23.00 23.71 -1.16
C GLN B 118 -23.46 23.96 -2.59
N LEU B 119 -24.75 23.74 -2.83
CA LEU B 119 -25.35 23.98 -4.14
C LEU B 119 -25.03 25.37 -4.67
N SER B 120 -25.17 26.37 -3.82
CA SER B 120 -24.96 27.76 -4.23
C SER B 120 -23.48 28.13 -4.33
N GLN B 121 -22.63 27.33 -3.71
CA GLN B 121 -21.19 27.64 -3.66
C GLN B 121 -20.34 26.67 -4.50
N ALA B 122 -20.98 25.78 -5.25
CA ALA B 122 -20.25 24.75 -5.99
C ALA B 122 -19.28 25.41 -6.98
N PRO B 123 -17.99 25.04 -6.91
CA PRO B 123 -16.99 25.63 -7.81
C PRO B 123 -17.37 25.43 -9.28
N ARG B 124 -17.51 26.55 -9.98
CA ARG B 124 -18.14 26.62 -11.29
C ARG B 124 -17.41 25.80 -12.36
N GLN B 125 -16.10 25.68 -12.24
CA GLN B 125 -15.32 24.93 -13.22
C GLN B 125 -15.06 23.48 -12.77
N GLY B 126 -15.69 23.07 -11.67
CA GLY B 126 -15.51 21.72 -11.19
C GLY B 126 -15.98 20.72 -12.24
N LEU B 127 -15.33 19.57 -12.32
CA LEU B 127 -15.69 18.53 -13.29
C LEU B 127 -17.04 17.87 -13.02
N LEU B 128 -17.56 18.07 -11.81
CA LEU B 128 -18.88 17.55 -11.44
C LEU B 128 -19.82 18.68 -11.02
N TYR B 129 -19.59 19.89 -11.54
CA TYR B 129 -20.39 21.05 -11.14
C TYR B 129 -21.89 20.78 -11.23
N GLY B 130 -22.59 20.93 -10.11
CA GLY B 130 -24.04 20.79 -10.09
C GLY B 130 -24.59 19.38 -10.02
N VAL B 131 -23.71 18.37 -10.01
CA VAL B 131 -24.16 16.98 -9.97
C VAL B 131 -24.53 16.51 -8.56
N PRO B 132 -25.80 16.14 -8.35
CA PRO B 132 -26.15 15.57 -7.05
C PRO B 132 -25.52 14.19 -6.91
N VAL B 133 -24.95 13.89 -5.75
CA VAL B 133 -24.29 12.61 -5.53
C VAL B 133 -24.81 11.99 -4.23
N SER B 134 -25.14 10.70 -4.29
CA SER B 134 -25.57 9.97 -3.10
C SER B 134 -24.38 9.29 -2.44
N LEU B 135 -24.42 9.20 -1.11
CA LEU B 135 -23.33 8.59 -0.34
C LEU B 135 -23.77 7.43 0.52
N LYS B 136 -23.09 6.29 0.39
CA LYS B 136 -23.28 5.19 1.35
C LYS B 136 -23.07 5.76 2.75
N GLU B 137 -23.83 5.28 3.72
CA GLU B 137 -23.88 5.91 5.05
C GLU B 137 -22.52 6.00 5.75
N CYS B 138 -21.59 5.12 5.39
CA CYS B 138 -20.28 5.08 6.02
C CYS B 138 -19.34 6.22 5.61
N PHE B 139 -19.68 6.94 4.56
CA PHE B 139 -18.89 8.11 4.17
C PHE B 139 -19.18 9.26 5.12
N SER B 140 -18.22 9.54 6.00
CA SER B 140 -18.42 10.58 7.01
CA SER B 140 -18.39 10.58 7.02
C SER B 140 -18.81 11.91 6.40
N TYR B 141 -19.88 12.50 6.94
CA TYR B 141 -20.37 13.76 6.44
C TYR B 141 -20.68 14.62 7.67
N LYS B 142 -20.08 15.79 7.73
CA LYS B 142 -20.15 16.64 8.92
C LYS B 142 -21.59 16.82 9.40
N GLY B 143 -21.82 16.54 10.67
CA GLY B 143 -23.11 16.81 11.31
C GLY B 143 -24.07 15.64 11.27
N HIS B 144 -23.67 14.54 10.62
CA HIS B 144 -24.54 13.39 10.45
C HIS B 144 -23.91 12.13 10.99
N ASP B 145 -24.75 11.24 11.53
CA ASP B 145 -24.27 9.94 11.99
C ASP B 145 -23.78 9.09 10.82
N SER B 146 -22.83 8.21 11.12
CA SER B 146 -22.58 7.07 10.26
C SER B 146 -22.88 5.85 11.14
N THR B 147 -24.15 5.48 11.25
CA THR B 147 -24.54 4.48 12.25
C THR B 147 -24.07 3.07 11.89
N LEU B 148 -24.00 2.78 10.59
CA LEU B 148 -23.83 1.41 10.11
C LEU B 148 -24.95 0.51 10.63
N GLY B 149 -26.07 1.11 11.02
CA GLY B 149 -27.19 0.34 11.53
C GLY B 149 -26.98 -0.19 12.94
N LEU B 150 -25.96 0.33 13.62
CA LEU B 150 -25.59 -0.14 14.95
C LEU B 150 -25.95 0.88 16.00
N SER B 151 -26.63 0.43 17.06
CA SER B 151 -27.08 1.32 18.11
CA SER B 151 -27.07 1.33 18.11
C SER B 151 -25.91 2.09 18.72
N LEU B 152 -24.74 1.47 18.80
CA LEU B 152 -23.62 2.14 19.47
CA LEU B 152 -23.57 2.10 19.43
C LEU B 152 -23.13 3.39 18.72
N ASN B 153 -23.45 3.50 17.43
CA ASN B 153 -23.05 4.66 16.65
C ASN B 153 -24.15 5.69 16.44
N GLU B 154 -25.33 5.47 17.02
CA GLU B 154 -26.44 6.39 16.86
C GLU B 154 -26.24 7.58 17.78
N GLY B 155 -26.46 8.79 17.26
CA GLY B 155 -26.31 10.00 18.06
C GLY B 155 -24.85 10.35 18.27
N MET B 156 -24.01 10.02 17.29
CA MET B 156 -22.59 10.34 17.33
CA MET B 156 -22.59 10.36 17.33
C MET B 156 -22.19 10.95 16.00
N PRO B 157 -22.59 12.20 15.75
CA PRO B 157 -22.39 12.75 14.41
C PRO B 157 -20.94 13.01 14.05
N SER B 158 -20.63 12.78 12.78
CA SER B 158 -19.32 13.12 12.23
C SER B 158 -19.02 14.59 12.44
N GLU B 159 -17.75 14.89 12.64
CA GLU B 159 -17.37 16.28 12.84
C GLU B 159 -16.62 16.85 11.64
N SER B 160 -16.47 16.05 10.59
CA SER B 160 -15.88 16.56 9.37
C SER B 160 -16.23 15.67 8.19
N ASP B 161 -16.31 16.26 7.00
CA ASP B 161 -16.48 15.47 5.80
C ASP B 161 -15.25 14.59 5.59
N CYS B 162 -15.46 13.34 5.15
CA CYS B 162 -14.34 12.49 4.78
C CYS B 162 -13.65 13.05 3.53
N VAL B 163 -12.42 12.61 3.29
CA VAL B 163 -11.65 13.15 2.17
C VAL B 163 -12.37 13.08 0.82
N VAL B 164 -12.92 11.93 0.44
CA VAL B 164 -13.54 11.90 -0.88
C VAL B 164 -14.75 12.82 -1.00
N VAL B 165 -15.49 13.01 0.09
CA VAL B 165 -16.57 13.99 0.10
C VAL B 165 -16.02 15.42 -0.09
N GLN B 166 -14.91 15.74 0.57
CA GLN B 166 -14.30 17.05 0.36
C GLN B 166 -13.94 17.23 -1.11
N VAL B 167 -13.37 16.19 -1.71
CA VAL B 167 -12.97 16.25 -3.13
C VAL B 167 -14.19 16.42 -4.05
N LEU B 168 -15.25 15.66 -3.79
CA LEU B 168 -16.50 15.81 -4.56
C LEU B 168 -16.97 17.27 -4.53
N LYS B 169 -16.98 17.86 -3.33
CA LYS B 169 -17.42 19.24 -3.20
C LYS B 169 -16.50 20.20 -3.95
N LEU B 170 -15.19 19.95 -3.89
CA LEU B 170 -14.24 20.80 -4.57
C LEU B 170 -14.40 20.69 -6.08
N GLN B 171 -14.95 19.57 -6.54
CA GLN B 171 -15.26 19.37 -7.96
C GLN B 171 -16.67 19.82 -8.34
N GLY B 172 -17.35 20.47 -7.40
CA GLY B 172 -18.63 21.11 -7.66
C GLY B 172 -19.83 20.19 -7.51
N ALA B 173 -19.61 18.96 -7.07
CA ALA B 173 -20.71 18.02 -6.86
C ALA B 173 -21.48 18.40 -5.60
N VAL B 174 -22.69 17.89 -5.47
CA VAL B 174 -23.54 18.20 -4.33
C VAL B 174 -24.01 16.91 -3.66
N PRO B 175 -23.24 16.40 -2.70
CA PRO B 175 -23.66 15.22 -1.95
C PRO B 175 -24.96 15.55 -1.24
N PHE B 176 -25.97 14.69 -1.35
CA PHE B 176 -27.29 15.09 -0.88
C PHE B 176 -28.03 14.12 0.04
N VAL B 177 -27.66 12.83 0.00
CA VAL B 177 -28.25 11.85 0.92
C VAL B 177 -27.25 10.83 1.40
N HIS B 178 -27.47 10.32 2.62
CA HIS B 178 -26.85 9.08 3.07
C HIS B 178 -27.81 7.94 2.76
N THR B 179 -27.29 6.82 2.24
CA THR B 179 -28.13 5.68 1.89
C THR B 179 -27.84 4.46 2.78
N ASN B 180 -28.85 3.60 2.89
CA ASN B 180 -28.88 2.53 3.88
C ASN B 180 -27.85 1.43 3.63
N VAL B 181 -27.44 0.79 4.72
CA VAL B 181 -26.55 -0.36 4.67
C VAL B 181 -27.08 -1.47 5.58
N PRO B 182 -26.70 -2.72 5.31
CA PRO B 182 -27.04 -3.76 6.30
C PRO B 182 -26.27 -3.49 7.59
N GLN B 183 -26.81 -3.93 8.72
CA GLN B 183 -26.18 -3.69 10.01
C GLN B 183 -24.71 -4.17 10.03
N SER B 184 -23.80 -3.25 10.34
CA SER B 184 -22.34 -3.47 10.42
C SER B 184 -21.65 -3.46 9.08
N MET B 185 -22.44 -3.43 8.01
CA MET B 185 -21.95 -3.57 6.63
C MET B 185 -21.41 -4.96 6.26
N PHE B 186 -21.33 -5.89 7.21
CA PHE B 186 -20.75 -7.19 6.90
C PHE B 186 -21.81 -8.15 6.37
N SER B 187 -22.27 -7.89 5.15
CA SER B 187 -23.45 -8.56 4.62
C SER B 187 -23.62 -8.09 3.19
N TYR B 188 -24.17 -8.95 2.33
CA TYR B 188 -24.57 -8.46 1.01
C TYR B 188 -26.09 -8.35 0.86
N ASP B 189 -26.78 -8.26 2.01
CA ASP B 189 -28.19 -7.85 2.06
C ASP B 189 -28.22 -6.38 2.52
N CYS B 190 -29.37 -5.88 2.94
CA CYS B 190 -29.42 -4.45 3.27
C CYS B 190 -30.50 -4.08 4.31
N SER B 191 -30.45 -4.71 5.47
CA SER B 191 -31.36 -4.33 6.56
C SER B 191 -30.58 -4.09 7.86
N ASN B 192 -31.05 -3.14 8.65
CA ASN B 192 -30.54 -2.96 10.00
C ASN B 192 -31.68 -2.59 10.93
N PRO B 193 -31.47 -2.72 12.24
CA PRO B 193 -32.59 -2.47 13.16
C PRO B 193 -32.95 -1.00 13.35
N LEU B 194 -32.11 -0.07 12.87
CA LEU B 194 -32.38 1.35 13.02
C LEU B 194 -33.31 1.88 11.90
N PHE B 195 -32.90 1.69 10.65
CA PHE B 195 -33.63 2.24 9.53
C PHE B 195 -34.46 1.19 8.80
N GLY B 196 -34.26 -0.06 9.18
CA GLY B 196 -35.03 -1.14 8.58
C GLY B 196 -34.43 -1.67 7.29
N GLN B 197 -35.30 -2.21 6.45
CA GLN B 197 -34.88 -3.03 5.33
C GLN B 197 -35.03 -2.29 4.02
N THR B 198 -33.98 -2.29 3.21
CA THR B 198 -34.04 -1.70 1.87
C THR B 198 -34.46 -2.77 0.87
N MET B 199 -35.34 -2.39 -0.05
CA MET B 199 -35.89 -3.34 -1.03
C MET B 199 -35.37 -3.05 -2.42
N ASN B 200 -35.25 -4.10 -3.23
CA ASN B 200 -34.86 -3.95 -4.62
C ASN B 200 -35.97 -3.21 -5.37
N PRO B 201 -35.61 -2.15 -6.11
CA PRO B 201 -36.65 -1.42 -6.85
C PRO B 201 -37.29 -2.24 -7.97
N TRP B 202 -36.65 -3.32 -8.42
CA TRP B 202 -37.23 -4.16 -9.48
C TRP B 202 -38.30 -5.11 -8.96
N LYS B 203 -38.23 -5.45 -7.68
CA LYS B 203 -39.12 -6.45 -7.10
C LYS B 203 -39.00 -6.40 -5.59
N SER B 204 -40.09 -6.04 -4.90
CA SER B 204 -40.04 -5.74 -3.47
CA SER B 204 -40.04 -5.73 -3.48
C SER B 204 -39.66 -6.93 -2.60
N SER B 205 -39.83 -8.13 -3.12
CA SER B 205 -39.48 -9.33 -2.35
C SER B 205 -37.98 -9.63 -2.40
N LYS B 206 -37.25 -8.86 -3.20
CA LYS B 206 -35.83 -9.14 -3.46
C LYS B 206 -34.92 -8.18 -2.72
N SER B 207 -33.74 -8.67 -2.38
CA SER B 207 -32.69 -7.82 -1.82
C SER B 207 -32.16 -6.89 -2.89
N PRO B 208 -31.79 -5.65 -2.51
CA PRO B 208 -31.11 -4.77 -3.45
C PRO B 208 -29.61 -5.11 -3.49
N GLY B 209 -29.21 -6.12 -2.73
CA GLY B 209 -27.80 -6.44 -2.55
C GLY B 209 -27.20 -5.52 -1.50
N GLY B 210 -25.89 -5.62 -1.30
CA GLY B 210 -25.22 -4.86 -0.27
C GLY B 210 -23.74 -5.19 -0.23
N SER B 211 -22.99 -4.54 0.65
CA SER B 211 -23.56 -3.65 1.66
C SER B 211 -23.91 -2.24 1.16
N SER B 212 -23.53 -1.89 -0.07
CA SER B 212 -23.92 -0.57 -0.61
C SER B 212 -25.32 -0.65 -1.23
N GLY B 213 -26.27 -1.22 -0.48
CA GLY B 213 -27.58 -1.56 -1.04
C GLY B 213 -28.49 -0.37 -1.26
N GLY B 214 -28.42 0.60 -0.35
CA GLY B 214 -29.15 1.84 -0.53
C GLY B 214 -28.75 2.56 -1.81
N GLU B 215 -27.45 2.61 -2.08
CA GLU B 215 -26.98 3.19 -3.34
C GLU B 215 -27.53 2.42 -4.54
N GLY B 216 -27.46 1.09 -4.48
CA GLY B 216 -27.99 0.28 -5.55
C GLY B 216 -29.47 0.59 -5.84
N ALA B 217 -30.28 0.63 -4.79
CA ALA B 217 -31.71 0.87 -4.95
C ALA B 217 -32.01 2.29 -5.45
N LEU B 218 -31.30 3.27 -4.90
CA LEU B 218 -31.54 4.66 -5.27
C LEU B 218 -31.13 4.96 -6.72
N ILE B 219 -29.93 4.57 -7.08
CA ILE B 219 -29.44 4.81 -8.43
C ILE B 219 -30.21 3.94 -9.42
N GLY B 220 -30.48 2.71 -9.00
CA GLY B 220 -31.16 1.76 -9.87
C GLY B 220 -32.59 2.18 -10.19
N SER B 221 -33.17 3.01 -9.35
CA SER B 221 -34.54 3.46 -9.59
C SER B 221 -34.60 4.87 -10.17
N GLY B 222 -33.44 5.47 -10.43
CA GLY B 222 -33.38 6.77 -11.06
C GLY B 222 -33.26 7.99 -10.14
N GLY B 223 -33.08 7.74 -8.84
CA GLY B 223 -33.10 8.81 -7.85
C GLY B 223 -31.77 9.47 -7.56
N SER B 224 -30.71 9.00 -8.22
CA SER B 224 -29.40 9.61 -8.14
C SER B 224 -28.59 9.25 -9.38
N PRO B 225 -27.83 10.22 -9.94
CA PRO B 225 -27.08 9.88 -11.14
C PRO B 225 -25.71 9.30 -10.83
N LEU B 226 -25.29 9.39 -9.57
CA LEU B 226 -23.95 8.97 -9.21
C LEU B 226 -23.85 8.81 -7.70
N GLY B 227 -23.23 7.73 -7.25
CA GLY B 227 -23.07 7.53 -5.82
C GLY B 227 -21.73 6.90 -5.53
N LEU B 228 -21.31 6.93 -4.26
CA LEU B 228 -20.10 6.24 -3.83
C LEU B 228 -20.47 5.09 -2.90
N GLY B 229 -19.82 3.94 -3.10
CA GLY B 229 -19.98 2.79 -2.21
C GLY B 229 -18.63 2.30 -1.72
N THR B 230 -18.63 1.26 -0.89
CA THR B 230 -17.38 0.65 -0.46
C THR B 230 -17.50 -0.86 -0.65
N ASP B 231 -16.38 -1.56 -0.56
CA ASP B 231 -16.35 -2.96 -1.01
C ASP B 231 -15.15 -3.68 -0.41
N ILE B 232 -15.42 -4.72 0.38
CA ILE B 232 -14.35 -5.56 0.93
C ILE B 232 -14.56 -7.04 0.58
N GLY B 233 -15.78 -7.38 0.16
CA GLY B 233 -16.05 -8.73 -0.32
C GLY B 233 -17.03 -8.76 -1.48
N GLY B 234 -17.31 -7.59 -2.04
CA GLY B 234 -18.24 -7.42 -3.15
C GLY B 234 -19.26 -6.30 -2.98
N SER B 235 -19.13 -5.49 -1.93
CA SER B 235 -20.21 -4.55 -1.56
C SER B 235 -20.56 -3.40 -2.52
N ILE B 236 -19.73 -3.15 -3.52
CA ILE B 236 -20.10 -2.24 -4.61
C ILE B 236 -20.74 -3.06 -5.72
N ARG B 237 -20.22 -4.27 -5.90
CA ARG B 237 -20.59 -5.08 -7.05
C ARG B 237 -21.92 -5.81 -6.87
N PHE B 238 -22.19 -6.34 -5.67
CA PHE B 238 -23.50 -6.98 -5.44
C PHE B 238 -24.66 -6.03 -5.70
N PRO B 239 -24.67 -4.86 -5.05
CA PRO B 239 -25.85 -4.01 -5.27
C PRO B 239 -25.93 -3.46 -6.70
N SER B 240 -24.78 -3.23 -7.34
CA SER B 240 -24.82 -2.81 -8.73
C SER B 240 -25.47 -3.88 -9.60
N ALA B 241 -25.02 -5.12 -9.44
CA ALA B 241 -25.57 -6.24 -10.21
C ALA B 241 -27.03 -6.46 -9.87
N PHE B 242 -27.36 -6.49 -8.59
CA PHE B 242 -28.74 -6.84 -8.22
C PHE B 242 -29.74 -5.79 -8.69
N CYS B 243 -29.30 -4.53 -8.78
CA CYS B 243 -30.18 -3.42 -9.11
C CYS B 243 -30.02 -2.92 -10.54
N GLY B 244 -29.13 -3.54 -11.30
CA GLY B 244 -29.03 -3.25 -12.72
C GLY B 244 -28.32 -1.94 -13.05
N ILE B 245 -27.28 -1.64 -12.30
CA ILE B 245 -26.45 -0.46 -12.57
C ILE B 245 -24.98 -0.87 -12.67
N CYS B 246 -24.12 0.10 -12.97
CA CYS B 246 -22.68 -0.16 -13.10
C CYS B 246 -21.97 0.24 -11.82
N GLY B 247 -20.93 -0.50 -11.46
CA GLY B 247 -20.12 -0.14 -10.31
C GLY B 247 -18.68 -0.56 -10.51
N LEU B 248 -17.75 0.19 -9.93
CA LEU B 248 -16.33 -0.17 -9.99
C LEU B 248 -15.73 -0.20 -8.59
N LYS B 249 -15.06 -1.31 -8.26
CA LYS B 249 -14.21 -1.39 -7.06
C LYS B 249 -12.74 -1.27 -7.47
N PRO B 250 -12.14 -0.10 -7.26
CA PRO B 250 -10.72 0.07 -7.62
C PRO B 250 -9.80 -0.74 -6.73
N THR B 251 -8.53 -0.75 -7.11
CA THR B 251 -7.47 -1.18 -6.22
C THR B 251 -7.64 -0.43 -4.90
N GLY B 252 -7.37 -1.11 -3.79
CA GLY B 252 -7.72 -0.58 -2.48
C GLY B 252 -7.20 0.82 -2.22
N ASN B 253 -5.96 1.10 -2.62
CA ASN B 253 -5.37 2.38 -2.30
C ASN B 253 -5.34 3.36 -3.48
N ARG B 254 -6.21 3.15 -4.49
CA ARG B 254 -6.31 4.12 -5.58
C ARG B 254 -7.03 5.39 -5.11
N LEU B 255 -7.95 5.23 -4.15
CA LEU B 255 -8.69 6.37 -3.58
C LEU B 255 -8.50 6.45 -2.08
N SER B 256 -8.78 7.62 -1.49
CA SER B 256 -8.59 7.81 -0.05
C SER B 256 -9.67 7.17 0.81
N LYS B 257 -9.26 6.40 1.82
CA LYS B 257 -10.23 5.82 2.76
C LYS B 257 -10.30 6.63 4.05
N SER B 258 -9.71 7.82 4.03
CA SER B 258 -9.70 8.67 5.21
CA SER B 258 -9.70 8.68 5.21
C SER B 258 -11.11 9.15 5.51
N GLY B 259 -11.57 8.92 6.74
CA GLY B 259 -12.89 9.34 7.16
C GLY B 259 -14.00 8.34 6.85
N LEU B 260 -13.65 7.13 6.42
CA LEU B 260 -14.68 6.10 6.26
C LEU B 260 -14.93 5.38 7.58
N LYS B 261 -16.19 5.35 7.98
CA LYS B 261 -16.57 4.70 9.23
C LYS B 261 -16.68 3.20 9.02
N GLY B 262 -16.08 2.42 9.91
CA GLY B 262 -16.12 0.96 9.78
C GLY B 262 -16.36 0.28 11.12
N CYS B 263 -16.43 -1.05 11.12
CA CYS B 263 -16.60 -1.81 12.36
CA CYS B 263 -16.61 -1.78 12.38
C CYS B 263 -15.29 -2.33 12.90
N VAL B 264 -14.34 -2.54 12.01
CA VAL B 264 -13.05 -3.12 12.37
C VAL B 264 -11.98 -2.25 11.73
N TYR B 265 -10.91 -1.99 12.46
CA TYR B 265 -9.83 -1.15 11.92
C TYR B 265 -8.50 -1.88 12.06
N GLY B 266 -7.59 -1.60 11.13
CA GLY B 266 -6.25 -2.17 11.19
C GLY B 266 -6.13 -3.53 10.54
N GLN B 267 -7.22 -4.02 9.95
CA GLN B 267 -7.18 -5.27 9.21
C GLN B 267 -6.73 -4.93 7.78
N THR B 268 -5.56 -5.43 7.40
CA THR B 268 -4.98 -5.02 6.12
C THR B 268 -4.73 -6.16 5.14
N ALA B 269 -4.97 -7.39 5.56
CA ALA B 269 -4.82 -8.57 4.71
C ALA B 269 -5.78 -8.54 3.50
N VAL B 270 -7.05 -8.26 3.78
CA VAL B 270 -8.04 -8.13 2.73
C VAL B 270 -8.42 -6.66 2.67
N GLN B 271 -8.05 -6.03 1.57
CA GLN B 271 -8.16 -4.60 1.37
C GLN B 271 -9.58 -4.09 1.21
N LEU B 272 -9.90 -3.02 1.91
CA LEU B 272 -11.14 -2.28 1.68
C LEU B 272 -10.93 -1.33 0.51
N SER B 273 -11.94 -1.17 -0.34
CA SER B 273 -11.85 -0.21 -1.42
C SER B 273 -13.13 0.62 -1.47
N LEU B 274 -13.05 1.79 -2.11
CA LEU B 274 -14.24 2.61 -2.31
C LEU B 274 -14.31 2.96 -3.79
N GLY B 275 -15.50 3.26 -4.29
CA GLY B 275 -15.62 3.54 -5.70
C GLY B 275 -17.01 3.96 -6.10
N PRO B 276 -17.16 4.35 -7.37
CA PRO B 276 -18.41 4.90 -7.90
C PRO B 276 -19.42 3.83 -8.33
N MET B 277 -20.70 4.22 -8.26
CA MET B 277 -21.82 3.44 -8.76
C MET B 277 -22.66 4.41 -9.58
N ALA B 278 -23.21 3.97 -10.70
CA ALA B 278 -23.87 4.89 -11.62
C ALA B 278 -24.64 4.12 -12.67
N ARG B 279 -25.37 4.83 -13.53
CA ARG B 279 -26.20 4.13 -14.52
C ARG B 279 -25.44 3.65 -15.76
N ASP B 280 -24.23 4.17 -15.96
CA ASP B 280 -23.44 3.76 -17.12
C ASP B 280 -21.96 3.84 -16.82
N VAL B 281 -21.14 3.32 -17.73
CA VAL B 281 -19.71 3.20 -17.47
C VAL B 281 -19.02 4.55 -17.55
N GLU B 282 -19.46 5.39 -18.49
CA GLU B 282 -18.88 6.71 -18.63
C GLU B 282 -19.00 7.52 -17.33
N SER B 283 -20.11 7.32 -16.61
CA SER B 283 -20.29 8.01 -15.33
C SER B 283 -19.24 7.59 -14.32
N LEU B 284 -18.89 6.30 -14.31
CA LEU B 284 -17.86 5.81 -13.39
C LEU B 284 -16.52 6.44 -13.75
N ALA B 285 -16.24 6.53 -15.05
CA ALA B 285 -14.98 7.08 -15.50
C ALA B 285 -14.87 8.57 -15.17
N LEU B 286 -15.96 9.31 -15.35
CA LEU B 286 -15.98 10.73 -15.01
C LEU B 286 -15.76 10.91 -13.51
N CYS B 287 -16.43 10.08 -12.72
CA CYS B 287 -16.30 10.18 -11.28
C CYS B 287 -14.85 9.91 -10.88
N LEU B 288 -14.24 8.87 -11.46
CA LEU B 288 -12.87 8.54 -11.09
C LEU B 288 -11.94 9.65 -11.54
N LYS B 289 -12.18 10.19 -12.73
CA LYS B 289 -11.34 11.27 -13.22
C LYS B 289 -11.42 12.50 -12.31
N ALA B 290 -12.61 12.78 -11.81
CA ALA B 290 -12.83 13.93 -10.92
C ALA B 290 -12.18 13.72 -9.56
N LEU B 291 -12.22 12.49 -9.06
CA LEU B 291 -11.62 12.21 -7.75
C LEU B 291 -10.09 12.19 -7.80
N LEU B 292 -9.55 11.69 -8.91
CA LEU B 292 -8.10 11.55 -9.03
C LEU B 292 -7.46 12.88 -9.44
N CYS B 293 -7.57 13.86 -8.54
CA CYS B 293 -7.09 15.20 -8.84
C CYS B 293 -6.16 15.66 -7.74
N GLU B 294 -5.49 16.79 -7.96
CA GLU B 294 -4.57 17.32 -6.97
C GLU B 294 -5.19 17.49 -5.58
N HIS B 295 -6.48 17.86 -5.54
CA HIS B 295 -7.18 18.02 -4.27
C HIS B 295 -7.11 16.74 -3.45
N LEU B 296 -7.42 15.63 -4.09
CA LEU B 296 -7.37 14.36 -3.40
C LEU B 296 -5.95 14.03 -2.96
N PHE B 297 -4.98 14.22 -3.85
CA PHE B 297 -3.62 13.79 -3.57
C PHE B 297 -2.97 14.63 -2.46
N THR B 298 -3.39 15.88 -2.35
CA THR B 298 -2.91 16.78 -1.30
CA THR B 298 -2.86 16.72 -1.28
C THR B 298 -3.62 16.52 0.02
N LEU B 299 -4.93 16.28 -0.05
CA LEU B 299 -5.70 16.03 1.16
C LEU B 299 -5.28 14.73 1.84
N ASP B 300 -4.95 13.72 1.03
CA ASP B 300 -4.44 12.46 1.56
C ASP B 300 -3.20 11.99 0.82
N PRO B 301 -2.02 12.46 1.29
CA PRO B 301 -0.74 12.11 0.68
C PRO B 301 -0.44 10.61 0.68
N THR B 302 -1.17 9.82 1.47
CA THR B 302 -0.91 8.38 1.51
C THR B 302 -1.39 7.66 0.25
N VAL B 303 -2.24 8.33 -0.52
CA VAL B 303 -2.72 7.78 -1.80
C VAL B 303 -1.73 8.10 -2.93
N PRO B 304 -1.31 7.10 -3.71
CA PRO B 304 -0.35 7.40 -4.78
C PRO B 304 -0.98 8.34 -5.81
N PRO B 305 -0.27 9.42 -6.18
CA PRO B 305 -0.87 10.45 -7.03
C PRO B 305 -0.89 10.05 -8.51
N LEU B 306 -1.67 9.01 -8.79
CA LEU B 306 -1.83 8.48 -10.14
C LEU B 306 -3.03 9.16 -10.81
N PRO B 307 -2.76 10.05 -11.76
CA PRO B 307 -3.85 10.73 -12.48
C PRO B 307 -4.62 9.74 -13.33
N PHE B 308 -5.88 10.04 -13.61
CA PHE B 308 -6.69 9.20 -14.49
C PHE B 308 -6.11 9.24 -15.90
N ARG B 309 -5.73 8.08 -16.42
CA ARG B 309 -5.11 8.02 -17.74
C ARG B 309 -6.14 7.93 -18.85
N GLU B 310 -6.54 9.09 -19.36
CA GLU B 310 -7.63 9.17 -20.32
C GLU B 310 -7.37 8.30 -21.55
N GLU B 311 -6.13 8.32 -22.03
CA GLU B 311 -5.78 7.60 -23.25
C GLU B 311 -6.00 6.08 -23.11
N VAL B 312 -5.77 5.55 -21.91
CA VAL B 312 -5.99 4.13 -21.68
C VAL B 312 -7.49 3.81 -21.68
N TYR B 313 -8.26 4.64 -20.99
CA TYR B 313 -9.70 4.48 -20.95
C TYR B 313 -10.32 4.56 -22.35
N ARG B 314 -9.79 5.42 -23.20
CA ARG B 314 -10.38 5.70 -24.52
C ARG B 314 -9.88 4.77 -25.62
N SER B 315 -8.92 3.92 -25.28
CA SER B 315 -8.32 3.01 -26.25
C SER B 315 -9.35 2.14 -26.94
N SER B 316 -9.17 1.93 -28.24
CA SER B 316 -10.03 1.03 -28.97
C SER B 316 -9.27 -0.19 -29.49
N ARG B 317 -8.09 -0.45 -28.92
CA ARG B 317 -7.29 -1.58 -29.39
C ARG B 317 -7.96 -2.89 -28.98
N PRO B 318 -7.81 -3.93 -29.79
CA PRO B 318 -8.35 -5.25 -29.43
C PRO B 318 -7.73 -5.75 -28.13
N LEU B 319 -8.51 -6.46 -27.31
CA LEU B 319 -8.06 -6.94 -26.01
C LEU B 319 -7.86 -8.44 -25.96
N ARG B 320 -6.90 -8.88 -25.15
CA ARG B 320 -6.80 -10.29 -24.80
C ARG B 320 -7.56 -10.46 -23.49
N VAL B 321 -8.67 -11.18 -23.57
CA VAL B 321 -9.62 -11.25 -22.47
C VAL B 321 -9.66 -12.68 -21.93
N GLY B 322 -9.16 -12.89 -20.72
CA GLY B 322 -9.31 -14.17 -20.07
C GLY B 322 -10.77 -14.28 -19.66
N TYR B 323 -11.29 -15.50 -19.55
CA TYR B 323 -12.65 -15.65 -19.06
C TYR B 323 -12.87 -16.98 -18.37
N TYR B 324 -13.82 -17.00 -17.45
CA TYR B 324 -14.37 -18.25 -16.97
C TYR B 324 -15.86 -18.13 -16.84
N GLU B 325 -16.54 -19.27 -17.01
CA GLU B 325 -18.00 -19.32 -16.95
C GLU B 325 -18.49 -19.81 -15.59
N THR B 326 -17.57 -20.37 -14.80
CA THR B 326 -17.85 -20.79 -13.43
C THR B 326 -16.54 -20.78 -12.62
N ASP B 327 -16.62 -20.50 -11.33
CA ASP B 327 -15.43 -20.61 -10.48
C ASP B 327 -15.33 -21.98 -9.80
N ASN B 328 -16.22 -22.89 -10.18
CA ASN B 328 -16.28 -24.22 -9.59
C ASN B 328 -16.48 -24.22 -8.07
N TYR B 329 -16.97 -23.09 -7.56
CA TYR B 329 -17.20 -22.93 -6.14
C TYR B 329 -18.66 -22.59 -5.91
N THR B 330 -19.12 -21.51 -6.55
CA THR B 330 -20.55 -21.20 -6.58
C THR B 330 -21.10 -21.53 -7.96
N MET B 331 -22.00 -22.50 -8.04
CA MET B 331 -22.58 -22.83 -9.34
C MET B 331 -23.30 -21.58 -9.85
N PRO B 332 -23.00 -21.15 -11.08
CA PRO B 332 -23.72 -19.96 -11.55
C PRO B 332 -25.20 -20.27 -11.84
N SER B 333 -26.08 -19.28 -11.69
CA SER B 333 -27.46 -19.46 -12.10
C SER B 333 -27.48 -19.54 -13.62
N PRO B 334 -28.54 -20.13 -14.17
CA PRO B 334 -28.67 -20.17 -15.62
C PRO B 334 -28.53 -18.76 -16.22
N ALA B 335 -29.14 -17.76 -15.61
CA ALA B 335 -29.01 -16.39 -16.12
C ALA B 335 -27.56 -15.89 -16.11
N MET B 336 -26.83 -16.13 -15.03
CA MET B 336 -25.41 -15.79 -14.96
C MET B 336 -24.61 -16.40 -16.09
N ARG B 337 -24.85 -17.67 -16.34
CA ARG B 337 -24.05 -18.41 -17.31
C ARG B 337 -24.35 -17.89 -18.71
N ARG B 338 -25.62 -17.63 -18.99
CA ARG B 338 -26.02 -17.07 -20.29
C ARG B 338 -25.44 -15.67 -20.49
N ALA B 339 -25.46 -14.86 -19.44
CA ALA B 339 -24.90 -13.51 -19.50
C ALA B 339 -23.44 -13.56 -19.90
N LEU B 340 -22.71 -14.48 -19.27
CA LEU B 340 -21.27 -14.62 -19.50
C LEU B 340 -21.02 -15.08 -20.93
N ILE B 341 -21.69 -16.15 -21.33
CA ILE B 341 -21.48 -16.70 -22.66
C ILE B 341 -21.85 -15.72 -23.77
N GLU B 342 -22.95 -15.00 -23.61
CA GLU B 342 -23.36 -14.04 -24.63
C GLU B 342 -22.37 -12.89 -24.75
N THR B 343 -21.88 -12.42 -23.61
CA THR B 343 -20.89 -11.34 -23.59
C THR B 343 -19.59 -11.81 -24.26
N LYS B 344 -19.16 -13.00 -23.88
CA LYS B 344 -17.98 -13.60 -24.51
C LYS B 344 -18.15 -13.63 -26.02
N GLN B 345 -19.29 -14.12 -26.50
CA GLN B 345 -19.51 -14.25 -27.93
C GLN B 345 -19.53 -12.89 -28.65
N ARG B 346 -20.14 -11.88 -28.04
CA ARG B 346 -20.13 -10.55 -28.65
C ARG B 346 -18.72 -9.95 -28.68
N LEU B 347 -17.94 -10.18 -27.63
CA LEU B 347 -16.55 -9.74 -27.60
C LEU B 347 -15.73 -10.42 -28.71
N GLU B 348 -15.95 -11.72 -28.91
CA GLU B 348 -15.26 -12.43 -29.99
C GLU B 348 -15.64 -11.85 -31.35
N ALA B 349 -16.94 -11.57 -31.53
CA ALA B 349 -17.40 -11.04 -32.81
C ALA B 349 -16.82 -9.65 -33.07
N ALA B 350 -16.48 -8.95 -32.00
CA ALA B 350 -15.92 -7.60 -32.09
C ALA B 350 -14.40 -7.60 -32.23
N GLY B 351 -13.82 -8.79 -32.35
CA GLY B 351 -12.41 -8.91 -32.69
C GLY B 351 -11.47 -9.10 -31.51
N HIS B 352 -12.02 -9.26 -30.32
CA HIS B 352 -11.16 -9.50 -29.15
C HIS B 352 -10.81 -10.97 -29.05
N THR B 353 -9.73 -11.27 -28.35
CA THR B 353 -9.29 -12.64 -28.18
C THR B 353 -9.73 -13.18 -26.82
N LEU B 354 -10.58 -14.20 -26.83
CA LEU B 354 -11.10 -14.75 -25.58
C LEU B 354 -10.35 -16.03 -25.19
N ILE B 355 -9.77 -16.03 -24.00
CA ILE B 355 -8.86 -17.08 -23.56
C ILE B 355 -9.32 -17.64 -22.22
N PRO B 356 -9.53 -18.96 -22.14
CA PRO B 356 -9.97 -19.50 -20.86
C PRO B 356 -8.92 -19.27 -19.79
N PHE B 357 -9.35 -18.82 -18.62
CA PHE B 357 -8.45 -18.46 -17.54
C PHE B 357 -9.16 -18.65 -16.22
N LEU B 358 -8.52 -19.30 -15.26
CA LEU B 358 -9.10 -19.41 -13.91
C LEU B 358 -8.00 -19.24 -12.89
N PRO B 359 -8.14 -18.24 -12.01
CA PRO B 359 -7.14 -18.10 -10.94
C PRO B 359 -6.99 -19.41 -10.18
N ASN B 360 -5.74 -19.77 -9.87
CA ASN B 360 -5.46 -21.01 -9.17
C ASN B 360 -6.00 -21.01 -7.76
N ASN B 361 -6.25 -22.21 -7.22
CA ASN B 361 -6.55 -22.38 -5.80
C ASN B 361 -7.62 -21.46 -5.24
N ILE B 362 -8.72 -21.33 -5.94
CA ILE B 362 -9.81 -20.48 -5.44
C ILE B 362 -10.32 -20.89 -4.06
N PRO B 363 -10.53 -22.20 -3.82
CA PRO B 363 -11.02 -22.58 -2.50
C PRO B 363 -10.10 -22.12 -1.37
N TYR B 364 -8.80 -22.29 -1.56
CA TYR B 364 -7.79 -21.79 -0.63
C TYR B 364 -7.86 -20.27 -0.46
N ALA B 365 -7.99 -19.55 -1.57
CA ALA B 365 -8.07 -18.10 -1.51
C ALA B 365 -9.29 -17.64 -0.70
N LEU B 366 -10.40 -18.35 -0.84
CA LEU B 366 -11.62 -17.94 -0.15
C LEU B 366 -11.66 -18.42 1.29
N GLU B 367 -11.34 -19.71 1.49
CA GLU B 367 -11.55 -20.35 2.77
C GLU B 367 -10.43 -20.04 3.76
N VAL B 368 -9.20 -20.03 3.27
CA VAL B 368 -8.05 -19.77 4.13
C VAL B 368 -7.66 -18.30 4.16
N LEU B 369 -7.37 -17.73 2.99
CA LEU B 369 -6.85 -16.36 2.93
C LEU B 369 -7.88 -15.28 3.23
N SER B 370 -9.03 -15.34 2.54
CA SER B 370 -10.03 -14.28 2.69
C SER B 370 -10.73 -14.37 4.04
N THR B 371 -11.24 -15.55 4.37
CA THR B 371 -11.91 -15.75 5.64
C THR B 371 -10.94 -15.50 6.79
N GLY B 372 -9.75 -16.08 6.68
CA GLY B 372 -8.72 -15.87 7.68
C GLY B 372 -8.31 -14.42 7.85
N GLY B 373 -8.23 -13.69 6.74
CA GLY B 373 -7.86 -12.28 6.80
C GLY B 373 -8.94 -11.44 7.45
N LEU B 374 -10.19 -11.73 7.12
CA LEU B 374 -11.31 -10.96 7.67
C LEU B 374 -11.55 -11.28 9.13
N PHE B 375 -11.23 -12.52 9.53
CA PHE B 375 -11.52 -12.97 10.89
C PHE B 375 -10.28 -13.47 11.63
N SER B 376 -9.14 -12.82 11.43
CA SER B 376 -7.90 -13.26 12.04
C SER B 376 -7.99 -13.29 13.58
N ASP B 377 -8.81 -12.41 14.13
CA ASP B 377 -8.97 -12.31 15.58
C ASP B 377 -10.18 -13.07 16.10
N GLY B 378 -10.70 -13.99 15.29
CA GLY B 378 -11.84 -14.78 15.68
C GLY B 378 -13.16 -14.03 15.65
N GLY B 379 -13.13 -12.80 15.15
CA GLY B 379 -14.33 -11.97 15.10
C GLY B 379 -14.54 -11.14 16.35
N ARG B 380 -13.57 -11.15 17.26
CA ARG B 380 -13.72 -10.44 18.52
C ARG B 380 -13.92 -8.93 18.36
N SER B 381 -13.07 -8.28 17.56
CA SER B 381 -13.16 -6.85 17.32
C SER B 381 -14.51 -6.48 16.71
N PHE B 382 -14.92 -7.27 15.72
CA PHE B 382 -16.21 -7.08 15.05
C PHE B 382 -17.37 -7.22 16.04
N LEU B 383 -17.31 -8.25 16.86
CA LEU B 383 -18.43 -8.53 17.79
C LEU B 383 -18.66 -7.44 18.83
N GLN B 384 -17.62 -6.70 19.18
CA GLN B 384 -17.77 -5.62 20.15
C GLN B 384 -18.84 -4.63 19.71
N ASN B 385 -18.98 -4.44 18.41
CA ASN B 385 -19.98 -3.51 17.86
C ASN B 385 -21.41 -3.91 18.18
N PHE B 386 -21.63 -5.17 18.51
CA PHE B 386 -22.99 -5.69 18.69
C PHE B 386 -23.41 -5.79 20.15
N LYS B 387 -22.51 -5.47 21.07
CA LYS B 387 -22.83 -5.59 22.49
C LYS B 387 -24.07 -4.78 22.86
N GLY B 388 -25.12 -5.47 23.28
CA GLY B 388 -26.36 -4.84 23.70
C GLY B 388 -27.32 -4.52 22.57
N ASP B 389 -26.98 -4.94 21.35
CA ASP B 389 -27.78 -4.57 20.18
C ASP B 389 -28.66 -5.74 19.68
N PHE B 390 -29.74 -5.41 18.97
CA PHE B 390 -30.48 -6.43 18.25
C PHE B 390 -29.58 -6.90 17.11
N VAL B 391 -29.70 -8.15 16.71
CA VAL B 391 -29.00 -8.62 15.53
C VAL B 391 -30.01 -8.72 14.40
N ASP B 392 -29.82 -7.94 13.34
CA ASP B 392 -30.77 -7.96 12.23
C ASP B 392 -30.88 -9.37 11.65
N PRO B 393 -32.11 -9.83 11.36
CA PRO B 393 -32.29 -11.15 10.77
C PRO B 393 -31.49 -11.34 9.49
N CYS B 394 -31.14 -10.25 8.79
CA CYS B 394 -30.44 -10.41 7.50
C CYS B 394 -29.01 -10.90 7.69
N LEU B 395 -28.51 -10.85 8.93
CA LEU B 395 -27.16 -11.35 9.22
C LEU B 395 -27.16 -12.85 9.46
N GLY B 396 -28.34 -13.47 9.45
CA GLY B 396 -28.44 -14.90 9.65
C GLY B 396 -27.82 -15.30 10.97
N ASP B 397 -27.01 -16.36 10.95
CA ASP B 397 -26.43 -16.87 12.19
C ASP B 397 -25.00 -16.42 12.41
N LEU B 398 -24.55 -15.44 11.62
CA LEU B 398 -23.16 -14.99 11.70
C LEU B 398 -22.71 -14.63 13.12
N ILE B 399 -23.50 -13.82 13.81
CA ILE B 399 -23.11 -13.35 15.14
C ILE B 399 -23.15 -14.50 16.14
N LEU B 400 -24.17 -15.34 16.02
CA LEU B 400 -24.29 -16.52 16.87
C LEU B 400 -23.05 -17.39 16.72
N ILE B 401 -22.63 -17.59 15.49
CA ILE B 401 -21.48 -18.44 15.19
C ILE B 401 -20.16 -17.82 15.63
N LEU B 402 -19.98 -16.53 15.37
CA LEU B 402 -18.73 -15.87 15.74
C LEU B 402 -18.51 -15.87 17.24
N ARG B 403 -19.59 -15.89 18.00
CA ARG B 403 -19.49 -15.81 19.45
C ARG B 403 -18.97 -17.11 20.07
N LEU B 404 -19.09 -18.21 19.33
CA LEU B 404 -18.64 -19.51 19.83
C LEU B 404 -17.15 -19.51 20.17
N PRO B 405 -16.78 -20.21 21.25
CA PRO B 405 -15.39 -20.31 21.73
C PRO B 405 -14.49 -21.00 20.70
N SER B 406 -13.27 -20.52 20.52
CA SER B 406 -12.37 -21.06 19.51
C SER B 406 -12.34 -22.59 19.52
N TRP B 407 -12.30 -23.17 20.71
CA TRP B 407 -12.26 -24.63 20.84
C TRP B 407 -13.52 -25.28 20.26
N PHE B 408 -14.64 -24.57 20.32
CA PHE B 408 -15.89 -25.12 19.79
C PHE B 408 -15.96 -24.97 18.27
N LYS B 409 -15.56 -23.82 17.75
CA LYS B 409 -15.45 -23.65 16.30
C LYS B 409 -14.61 -24.80 15.74
N ARG B 410 -13.53 -25.12 16.43
CA ARG B 410 -12.65 -26.20 16.01
C ARG B 410 -13.36 -27.55 16.07
N LEU B 411 -14.07 -27.80 17.17
CA LEU B 411 -14.81 -29.04 17.35
C LEU B 411 -15.84 -29.24 16.25
N LEU B 412 -16.67 -28.22 16.05
CA LEU B 412 -17.74 -28.30 15.07
C LEU B 412 -17.16 -28.48 13.66
N SER B 413 -16.01 -27.85 13.43
CA SER B 413 -15.34 -27.97 12.13
C SER B 413 -14.96 -29.42 11.84
N LEU B 414 -14.41 -30.11 12.83
CA LEU B 414 -14.06 -31.52 12.67
C LEU B 414 -15.29 -32.38 12.33
N LEU B 415 -16.40 -32.12 13.00
CA LEU B 415 -17.62 -32.88 12.75
C LEU B 415 -18.20 -32.66 11.36
N LEU B 416 -18.18 -31.41 10.90
CA LEU B 416 -18.77 -31.06 9.61
C LEU B 416 -17.93 -31.52 8.41
N LYS B 417 -16.63 -31.71 8.65
CA LYS B 417 -15.66 -31.87 7.55
C LYS B 417 -15.99 -32.99 6.54
N PRO B 418 -16.35 -34.19 7.03
CA PRO B 418 -16.67 -35.30 6.12
C PRO B 418 -17.77 -34.99 5.10
N LEU B 419 -18.93 -34.53 5.56
CA LEU B 419 -20.07 -34.31 4.66
C LEU B 419 -20.11 -32.90 4.09
N PHE B 420 -19.63 -31.91 4.85
CA PHE B 420 -19.76 -30.52 4.46
C PHE B 420 -18.45 -29.76 4.60
N PRO B 421 -17.46 -30.12 3.79
CA PRO B 421 -16.11 -29.54 3.90
C PRO B 421 -16.07 -28.01 3.80
N ARG B 422 -16.97 -27.42 3.03
CA ARG B 422 -16.99 -25.98 2.86
C ARG B 422 -17.35 -25.27 4.16
N LEU B 423 -18.39 -25.75 4.83
CA LEU B 423 -18.81 -25.18 6.11
C LEU B 423 -17.71 -25.38 7.15
N ALA B 424 -17.13 -26.56 7.15
CA ALA B 424 -16.06 -26.88 8.10
C ALA B 424 -14.87 -25.96 7.90
N ALA B 425 -14.52 -25.71 6.65
CA ALA B 425 -13.36 -24.86 6.35
C ALA B 425 -13.60 -23.42 6.80
N PHE B 426 -14.80 -22.91 6.60
CA PHE B 426 -15.06 -21.54 7.02
C PHE B 426 -14.95 -21.42 8.54
N LEU B 427 -15.55 -22.37 9.25
CA LEU B 427 -15.52 -22.39 10.70
C LEU B 427 -14.08 -22.46 11.23
N ASN B 428 -13.28 -23.32 10.62
CA ASN B 428 -11.90 -23.50 11.06
C ASN B 428 -11.08 -22.24 10.86
N ASN B 429 -11.38 -21.49 9.80
CA ASN B 429 -10.57 -20.34 9.45
C ASN B 429 -11.05 -19.04 10.07
N MET B 430 -12.10 -19.12 10.87
CA MET B 430 -12.62 -17.94 11.57
C MET B 430 -12.14 -17.92 13.02
N ARG B 431 -11.10 -18.69 13.33
CA ARG B 431 -10.61 -18.77 14.71
C ARG B 431 -9.58 -17.68 15.00
N PRO B 432 -9.45 -17.27 16.26
CA PRO B 432 -8.46 -16.23 16.56
C PRO B 432 -7.06 -16.85 16.47
N ARG B 433 -6.05 -16.02 16.25
CA ARG B 433 -4.69 -16.53 16.10
C ARG B 433 -3.69 -15.46 16.54
N SER B 434 -2.41 -15.82 16.60
CA SER B 434 -1.36 -14.92 17.04
C SER B 434 -0.92 -13.96 15.94
N ALA B 435 -0.16 -12.93 16.32
CA ALA B 435 0.46 -12.04 15.33
C ALA B 435 1.39 -12.84 14.42
N GLU B 436 2.11 -13.80 15.00
CA GLU B 436 2.98 -14.67 14.23
C GLU B 436 2.21 -15.36 13.10
N LYS B 437 1.04 -15.91 13.43
CA LYS B 437 0.22 -16.55 12.41
C LYS B 437 -0.35 -15.56 11.40
N LEU B 438 -0.64 -14.35 11.85
CA LEU B 438 -1.17 -13.34 10.93
C LEU B 438 -0.09 -12.92 9.93
N TRP B 439 1.15 -12.78 10.38
CA TRP B 439 2.25 -12.53 9.43
C TRP B 439 2.30 -13.64 8.38
N LYS B 440 2.22 -14.88 8.82
CA LYS B 440 2.25 -16.00 7.87
C LYS B 440 1.14 -15.88 6.84
N LEU B 441 -0.06 -15.58 7.32
CA LEU B 441 -1.22 -15.40 6.45
C LEU B 441 -1.02 -14.22 5.49
N GLN B 442 -0.48 -13.11 5.99
CA GLN B 442 -0.26 -11.94 5.16
CA GLN B 442 -0.26 -11.94 5.15
C GLN B 442 0.76 -12.26 4.05
N HIS B 443 1.77 -13.05 4.41
CA HIS B 443 2.75 -13.48 3.41
C HIS B 443 2.09 -14.36 2.36
N GLU B 444 1.22 -15.27 2.79
CA GLU B 444 0.51 -16.13 1.87
C GLU B 444 -0.38 -15.34 0.91
N ILE B 445 -0.96 -14.27 1.41
CA ILE B 445 -1.78 -13.40 0.57
C ILE B 445 -0.92 -12.72 -0.49
N GLU B 446 0.26 -12.26 -0.09
CA GLU B 446 1.20 -11.65 -1.02
C GLU B 446 1.67 -12.65 -2.08
N MET B 447 2.01 -13.87 -1.66
CA MET B 447 2.45 -14.87 -2.61
CA MET B 447 2.46 -14.88 -2.60
C MET B 447 1.31 -15.29 -3.54
N TYR B 448 0.10 -15.37 -3.00
CA TYR B 448 -1.04 -15.76 -3.83
C TYR B 448 -1.29 -14.71 -4.90
N ARG B 449 -1.19 -13.44 -4.52
CA ARG B 449 -1.39 -12.34 -5.47
C ARG B 449 -0.37 -12.44 -6.60
N GLN B 450 0.89 -12.65 -6.27
CA GLN B 450 1.92 -12.81 -7.30
C GLN B 450 1.68 -14.07 -8.13
N SER B 451 1.15 -15.13 -7.53
CA SER B 451 0.89 -16.35 -8.28
C SER B 451 -0.16 -16.13 -9.38
N VAL B 452 -1.20 -15.35 -9.08
CA VAL B 452 -2.26 -15.12 -10.07
C VAL B 452 -1.74 -14.13 -11.12
N ILE B 453 -0.97 -13.14 -10.67
CA ILE B 453 -0.31 -12.25 -11.61
C ILE B 453 0.56 -13.06 -12.59
N ALA B 454 1.29 -14.03 -12.08
CA ALA B 454 2.13 -14.88 -12.92
C ALA B 454 1.31 -15.66 -13.96
N GLN B 455 0.15 -16.16 -13.55
CA GLN B 455 -0.74 -16.87 -14.48
C GLN B 455 -1.20 -15.96 -15.59
N TRP B 456 -1.61 -14.76 -15.18
CA TRP B 456 -2.13 -13.72 -16.07
C TRP B 456 -1.09 -13.37 -17.12
N LYS B 457 0.13 -13.14 -16.67
CA LYS B 457 1.24 -12.81 -17.55
C LYS B 457 1.61 -13.94 -18.50
N ALA B 458 1.52 -15.17 -18.02
CA ALA B 458 1.85 -16.32 -18.86
C ALA B 458 0.90 -16.43 -20.05
N MET B 459 -0.33 -15.94 -19.88
CA MET B 459 -1.30 -15.93 -20.98
C MET B 459 -1.39 -14.57 -21.67
N ASN B 460 -0.54 -13.64 -21.25
CA ASN B 460 -0.50 -12.30 -21.80
CA ASN B 460 -0.51 -12.30 -21.80
C ASN B 460 -1.88 -11.64 -21.83
N LEU B 461 -2.62 -11.74 -20.72
CA LEU B 461 -3.95 -11.13 -20.65
C LEU B 461 -3.88 -9.62 -20.51
N ASP B 462 -4.89 -8.94 -21.04
CA ASP B 462 -5.14 -7.52 -20.74
C ASP B 462 -6.14 -7.40 -19.59
N VAL B 463 -7.23 -8.16 -19.69
CA VAL B 463 -8.33 -8.09 -18.75
C VAL B 463 -8.94 -9.47 -18.54
N LEU B 464 -9.90 -9.56 -17.62
CA LEU B 464 -10.52 -10.82 -17.27
C LEU B 464 -12.04 -10.64 -17.12
N LEU B 465 -12.78 -11.53 -17.77
CA LEU B 465 -14.24 -11.53 -17.75
C LEU B 465 -14.74 -12.69 -16.88
N THR B 466 -15.57 -12.39 -15.89
CA THR B 466 -16.08 -13.44 -15.01
C THR B 466 -17.59 -13.33 -14.81
N PRO B 467 -18.21 -14.40 -14.30
CA PRO B 467 -19.61 -14.28 -13.93
C PRO B 467 -19.72 -13.32 -12.75
N MET B 468 -20.90 -12.74 -12.57
CA MET B 468 -21.20 -11.95 -11.39
C MET B 468 -22.47 -12.50 -10.78
N LEU B 469 -22.48 -12.67 -9.46
CA LEU B 469 -23.65 -13.23 -8.79
C LEU B 469 -24.93 -12.50 -9.16
N GLY B 470 -25.94 -13.28 -9.53
CA GLY B 470 -27.24 -12.75 -9.88
C GLY B 470 -28.10 -13.90 -10.36
N PRO B 471 -29.42 -13.67 -10.49
CA PRO B 471 -30.09 -12.41 -10.18
C PRO B 471 -30.23 -12.18 -8.68
N ALA B 472 -30.81 -11.04 -8.31
CA ALA B 472 -30.96 -10.69 -6.90
C ALA B 472 -31.55 -11.83 -6.08
N LEU B 473 -30.99 -12.06 -4.89
CA LEU B 473 -31.53 -13.03 -3.94
C LEU B 473 -32.74 -12.45 -3.21
N ASP B 474 -33.63 -13.35 -2.78
CA ASP B 474 -34.73 -12.96 -1.91
C ASP B 474 -34.22 -12.28 -0.66
N LEU B 475 -35.00 -11.34 -0.14
CA LEU B 475 -34.67 -10.68 1.12
C LEU B 475 -34.36 -11.73 2.20
N ASN B 476 -33.37 -11.39 3.03
CA ASN B 476 -32.95 -12.21 4.16
C ASN B 476 -32.28 -13.53 3.81
N THR B 477 -31.84 -13.68 2.57
CA THR B 477 -31.11 -14.90 2.19
C THR B 477 -29.61 -14.75 1.98
N PRO B 478 -29.14 -13.55 1.56
CA PRO B 478 -27.67 -13.45 1.43
C PRO B 478 -26.93 -13.89 2.70
N GLY B 479 -27.51 -13.59 3.85
CA GLY B 479 -26.89 -13.93 5.13
C GLY B 479 -26.74 -15.43 5.35
N ARG B 480 -27.48 -16.20 4.58
CA ARG B 480 -27.47 -17.66 4.72
C ARG B 480 -26.88 -18.34 3.49
N ALA B 481 -26.30 -17.55 2.60
CA ALA B 481 -25.64 -18.06 1.39
C ALA B 481 -24.25 -17.48 1.28
N THR B 482 -23.41 -17.73 2.28
CA THR B 482 -22.09 -17.10 2.34
C THR B 482 -21.18 -17.51 1.18
N GLY B 483 -21.33 -18.74 0.72
CA GLY B 483 -20.49 -19.26 -0.34
C GLY B 483 -20.56 -18.42 -1.60
N ALA B 484 -21.71 -17.78 -1.83
CA ALA B 484 -21.93 -17.05 -3.07
C ALA B 484 -21.10 -15.77 -3.22
N VAL B 485 -20.33 -15.41 -2.18
CA VAL B 485 -19.43 -14.25 -2.32
C VAL B 485 -18.18 -14.63 -3.11
N SER B 486 -18.09 -15.90 -3.52
CA SER B 486 -16.87 -16.36 -4.19
C SER B 486 -16.49 -15.54 -5.43
N TYR B 487 -17.47 -15.17 -6.25
CA TYR B 487 -17.14 -14.46 -7.49
C TYR B 487 -16.51 -13.11 -7.25
N THR B 488 -16.97 -12.42 -6.22
CA THR B 488 -16.45 -11.09 -5.92
C THR B 488 -15.28 -11.07 -4.93
N MET B 489 -15.37 -11.82 -3.84
CA MET B 489 -14.38 -11.78 -2.75
CA MET B 489 -14.36 -11.65 -2.79
C MET B 489 -12.98 -12.10 -3.26
N LEU B 490 -12.91 -12.96 -4.27
CA LEU B 490 -11.61 -13.35 -4.81
C LEU B 490 -10.80 -12.11 -5.16
N TYR B 491 -11.46 -11.08 -5.69
CA TYR B 491 -10.74 -9.88 -6.15
C TYR B 491 -10.47 -8.85 -5.07
N ASN B 492 -11.12 -9.00 -3.91
CA ASN B 492 -10.66 -8.28 -2.73
C ASN B 492 -9.41 -8.93 -2.19
N CYS B 493 -9.40 -10.26 -2.16
CA CYS B 493 -8.22 -11.01 -1.73
C CYS B 493 -7.00 -10.65 -2.59
N LEU B 494 -7.21 -10.64 -3.90
CA LEU B 494 -6.15 -10.31 -4.86
C LEU B 494 -5.87 -8.82 -4.96
N ASP B 495 -6.82 -8.02 -4.48
CA ASP B 495 -6.76 -6.56 -4.61
C ASP B 495 -6.50 -6.15 -6.07
N PHE B 496 -7.39 -6.59 -6.96
CA PHE B 496 -7.39 -6.18 -8.36
C PHE B 496 -8.63 -5.31 -8.53
N PRO B 497 -8.57 -4.32 -9.43
CA PRO B 497 -9.79 -3.55 -9.73
C PRO B 497 -10.80 -4.46 -10.42
N ALA B 498 -12.06 -4.33 -10.03
CA ALA B 498 -13.11 -5.19 -10.58
C ALA B 498 -14.39 -4.38 -10.62
N GLY B 499 -15.07 -4.41 -11.75
CA GLY B 499 -16.34 -3.71 -11.88
C GLY B 499 -17.39 -4.61 -12.50
N VAL B 500 -18.64 -4.16 -12.43
CA VAL B 500 -19.74 -4.94 -13.01
C VAL B 500 -20.57 -4.09 -13.96
N VAL B 501 -21.10 -4.75 -14.98
CA VAL B 501 -21.91 -4.10 -16.00
C VAL B 501 -23.15 -4.97 -16.22
N PRO B 502 -24.35 -4.37 -16.16
CA PRO B 502 -25.58 -5.13 -16.48
C PRO B 502 -25.57 -5.51 -17.95
N VAL B 503 -25.85 -6.76 -18.28
CA VAL B 503 -25.81 -7.15 -19.69
C VAL B 503 -27.09 -7.83 -20.18
N THR B 504 -27.92 -8.30 -19.27
CA THR B 504 -29.17 -8.96 -19.70
C THR B 504 -30.20 -8.95 -18.58
N THR B 505 -31.36 -9.54 -18.84
CA THR B 505 -32.35 -9.72 -17.76
C THR B 505 -32.79 -11.18 -17.75
N VAL B 506 -33.19 -11.66 -16.59
CA VAL B 506 -33.62 -13.05 -16.42
C VAL B 506 -34.86 -13.32 -17.28
N THR B 507 -34.80 -14.37 -18.08
CA THR B 507 -35.97 -14.76 -18.85
C THR B 507 -36.72 -15.84 -18.08
N ALA B 508 -37.97 -16.11 -18.48
CA ALA B 508 -38.71 -17.21 -17.86
C ALA B 508 -37.97 -18.53 -18.10
N GLU B 509 -37.36 -18.67 -19.27
CA GLU B 509 -36.53 -19.83 -19.57
C GLU B 509 -35.40 -20.00 -18.55
N ASP B 510 -34.63 -18.94 -18.29
CA ASP B 510 -33.55 -18.96 -17.31
C ASP B 510 -34.09 -19.35 -15.93
N ASP B 511 -35.26 -18.80 -15.61
CA ASP B 511 -35.79 -18.91 -14.27
C ASP B 511 -36.30 -20.33 -14.01
N ALA B 512 -36.98 -20.89 -15.01
CA ALA B 512 -37.45 -22.26 -14.89
C ALA B 512 -36.28 -23.22 -14.71
N GLN B 513 -35.15 -22.88 -15.34
CA GLN B 513 -33.95 -23.73 -15.26
C GLN B 513 -33.35 -23.78 -13.85
N MET B 514 -33.74 -22.85 -12.99
CA MET B 514 -33.30 -22.91 -11.60
C MET B 514 -33.75 -24.20 -10.91
N GLU B 515 -34.79 -24.84 -11.42
CA GLU B 515 -35.25 -26.10 -10.80
C GLU B 515 -34.23 -27.23 -10.98
N LEU B 516 -33.31 -27.06 -11.93
CA LEU B 516 -32.28 -28.08 -12.19
C LEU B 516 -30.95 -27.75 -11.49
N TYR B 517 -30.92 -26.62 -10.80
CA TYR B 517 -29.72 -26.14 -10.13
C TYR B 517 -29.45 -26.94 -8.86
N LYS B 518 -28.25 -27.48 -8.71
CA LYS B 518 -27.93 -28.26 -7.51
C LYS B 518 -26.84 -27.68 -6.62
N GLY B 519 -25.97 -26.85 -7.19
CA GLY B 519 -24.78 -26.39 -6.50
C GLY B 519 -23.70 -27.47 -6.59
N TYR B 520 -22.46 -27.10 -6.34
CA TYR B 520 -21.37 -28.07 -6.42
C TYR B 520 -21.19 -28.86 -5.14
N PHE B 521 -21.72 -28.34 -4.04
CA PHE B 521 -21.50 -28.95 -2.73
C PHE B 521 -22.74 -29.60 -2.15
N GLY B 522 -23.91 -29.03 -2.44
CA GLY B 522 -25.15 -29.52 -1.87
C GLY B 522 -25.30 -29.21 -0.39
N ASP B 523 -24.48 -28.30 0.13
CA ASP B 523 -24.60 -27.91 1.53
C ASP B 523 -25.66 -26.83 1.69
N ILE B 524 -25.86 -26.36 2.92
CA ILE B 524 -26.94 -25.42 3.19
C ILE B 524 -26.83 -24.13 2.36
N TRP B 525 -25.61 -23.67 2.11
CA TRP B 525 -25.38 -22.49 1.28
C TRP B 525 -25.90 -22.68 -0.15
N ASP B 526 -25.68 -23.86 -0.73
CA ASP B 526 -26.21 -24.17 -2.06
C ASP B 526 -27.73 -24.26 -2.08
N ILE B 527 -28.27 -24.86 -1.02
CA ILE B 527 -29.71 -25.06 -0.88
C ILE B 527 -30.44 -23.72 -0.79
N ILE B 528 -29.89 -22.82 0.02
CA ILE B 528 -30.45 -21.49 0.20
C ILE B 528 -30.34 -20.67 -1.10
N LEU B 529 -29.18 -20.71 -1.73
CA LEU B 529 -28.97 -19.98 -2.97
C LEU B 529 -29.93 -20.42 -4.08
N LYS B 530 -30.14 -21.73 -4.21
CA LYS B 530 -31.09 -22.23 -5.20
C LYS B 530 -32.46 -21.59 -5.01
N LYS B 531 -32.98 -21.66 -3.80
CA LYS B 531 -34.31 -21.11 -3.55
C LYS B 531 -34.30 -19.60 -3.73
N ALA B 532 -33.22 -18.95 -3.28
CA ALA B 532 -33.16 -17.49 -3.26
C ALA B 532 -33.10 -16.85 -4.64
N MET B 533 -32.57 -17.57 -5.62
CA MET B 533 -32.45 -17.01 -6.97
C MET B 533 -33.67 -17.29 -7.85
N LYS B 534 -34.63 -18.04 -7.33
CA LYS B 534 -35.87 -18.31 -8.04
C LYS B 534 -36.77 -17.07 -8.03
N ASN B 535 -37.84 -17.13 -8.82
CA ASN B 535 -38.81 -16.02 -8.93
C ASN B 535 -38.13 -14.71 -9.31
N SER B 536 -37.28 -14.76 -10.33
CA SER B 536 -36.48 -13.60 -10.70
C SER B 536 -36.71 -13.10 -12.13
N VAL B 537 -37.82 -13.50 -12.76
CA VAL B 537 -38.01 -13.08 -14.14
C VAL B 537 -37.98 -11.56 -14.25
N GLY B 538 -37.24 -11.05 -15.23
CA GLY B 538 -37.18 -9.62 -15.47
C GLY B 538 -36.08 -8.89 -14.72
N LEU B 539 -35.45 -9.56 -13.75
CA LEU B 539 -34.38 -8.93 -12.97
C LEU B 539 -33.07 -8.83 -13.76
N PRO B 540 -32.28 -7.80 -13.47
CA PRO B 540 -31.00 -7.61 -14.18
C PRO B 540 -29.92 -8.62 -13.79
N VAL B 541 -29.06 -8.93 -14.76
CA VAL B 541 -27.93 -9.82 -14.54
C VAL B 541 -26.70 -9.19 -15.17
N ALA B 542 -25.58 -9.27 -14.46
CA ALA B 542 -24.34 -8.61 -14.85
C ALA B 542 -23.22 -9.60 -15.16
N VAL B 543 -22.13 -9.09 -15.70
CA VAL B 543 -20.86 -9.81 -15.69
C VAL B 543 -19.86 -8.94 -14.95
N GLN B 544 -18.71 -9.52 -14.61
CA GLN B 544 -17.68 -8.81 -13.88
C GLN B 544 -16.45 -8.66 -14.76
N CYS B 545 -15.83 -7.49 -14.66
CA CYS B 545 -14.68 -7.13 -15.49
C CYS B 545 -13.53 -6.81 -14.57
N VAL B 546 -12.37 -7.42 -14.83
CA VAL B 546 -11.24 -7.34 -13.91
C VAL B 546 -9.98 -6.93 -14.67
N ALA B 547 -9.13 -6.11 -14.05
CA ALA B 547 -7.80 -5.84 -14.61
C ALA B 547 -6.75 -5.96 -13.50
N LEU B 548 -5.49 -5.78 -13.85
CA LEU B 548 -4.42 -5.86 -12.87
C LEU B 548 -4.44 -4.69 -11.89
N PRO B 549 -3.75 -4.84 -10.75
CA PRO B 549 -3.69 -3.72 -9.80
C PRO B 549 -3.28 -2.40 -10.47
N TRP B 550 -3.95 -1.33 -10.07
CA TRP B 550 -3.71 0.01 -10.58
C TRP B 550 -4.17 0.25 -12.03
N GLN B 551 -4.87 -0.71 -12.63
CA GLN B 551 -5.30 -0.52 -14.02
CA GLN B 551 -5.31 -0.61 -14.02
C GLN B 551 -6.80 -0.28 -14.10
N GLU B 552 -7.27 0.67 -13.30
CA GLU B 552 -8.70 1.04 -13.31
C GLU B 552 -9.15 1.55 -14.68
N GLU B 553 -8.29 2.32 -15.34
CA GLU B 553 -8.66 2.87 -16.64
C GLU B 553 -8.87 1.76 -17.67
N LEU B 554 -8.02 0.75 -17.63
CA LEU B 554 -8.14 -0.40 -18.54
C LEU B 554 -9.38 -1.20 -18.17
N CYS B 555 -9.61 -1.36 -16.88
CA CYS B 555 -10.80 -2.06 -16.41
C CYS B 555 -12.03 -1.34 -16.96
N LEU B 556 -12.05 -0.02 -16.83
CA LEU B 556 -13.17 0.79 -17.36
C LEU B 556 -13.29 0.73 -18.88
N ARG B 557 -12.16 0.75 -19.58
CA ARG B 557 -12.15 0.60 -21.05
C ARG B 557 -12.86 -0.69 -21.45
N PHE B 558 -12.62 -1.73 -20.67
CA PHE B 558 -13.19 -3.03 -20.96
C PHE B 558 -14.67 -3.02 -20.61
N MET B 559 -15.02 -2.45 -19.46
CA MET B 559 -16.43 -2.33 -19.07
C MET B 559 -17.21 -1.55 -20.12
N ARG B 560 -16.58 -0.51 -20.65
CA ARG B 560 -17.22 0.33 -21.67
C ARG B 560 -17.50 -0.52 -22.91
N GLU B 561 -16.54 -1.37 -23.27
CA GLU B 561 -16.71 -2.29 -24.39
C GLU B 561 -17.89 -3.24 -24.18
N VAL B 562 -17.94 -3.86 -23.01
CA VAL B 562 -19.03 -4.76 -22.67
C VAL B 562 -20.38 -4.04 -22.74
N GLU B 563 -20.44 -2.86 -22.15
CA GLU B 563 -21.69 -2.09 -22.16
C GLU B 563 -22.13 -1.76 -23.58
N GLN B 564 -21.18 -1.36 -24.41
CA GLN B 564 -21.50 -1.02 -25.80
C GLN B 564 -22.02 -2.22 -26.57
N LEU B 565 -21.36 -3.36 -26.41
CA LEU B 565 -21.72 -4.57 -27.15
C LEU B 565 -23.04 -5.21 -26.70
N MET B 566 -23.33 -5.15 -25.40
CA MET B 566 -24.50 -5.82 -24.85
C MET B 566 -25.70 -4.89 -24.69
N THR B 567 -25.44 -3.60 -24.55
CA THR B 567 -26.49 -2.61 -24.31
C THR B 567 -26.11 -1.31 -25.01
N PRO B 568 -26.08 -1.33 -26.35
CA PRO B 568 -25.60 -0.22 -27.19
C PRO B 568 -26.32 1.10 -26.89
N GLN B 569 -27.59 1.03 -26.49
CA GLN B 569 -28.38 2.23 -26.26
C GLN B 569 -27.92 3.06 -25.05
N LYS B 570 -27.01 2.50 -24.26
CA LYS B 570 -26.47 3.22 -23.11
C LYS B 570 -25.36 4.18 -23.51
N GLN B 571 -24.89 4.04 -24.75
CA GLN B 571 -23.88 4.93 -25.31
C GLN B 571 -24.37 5.53 -26.62
N1 JG1 C . 16.17 -5.85 3.25
C2 JG1 C . 15.86 -5.97 4.56
C3 JG1 C . 14.92 -6.92 4.96
C4 JG1 C . 14.35 -7.76 4.00
C5 JG1 C . 14.73 -7.62 2.65
C6 JG1 C . 15.66 -6.64 2.32
C7 JG1 C . 16.42 -5.12 5.52
N8 JG1 C . 17.29 -4.10 5.40
N9 JG1 C . 17.53 -3.61 6.52
C10 JG1 C . 16.87 -4.34 7.44
O11 JG1 C . 16.11 -5.29 6.83
C12 JG1 C . 16.81 -4.09 8.93
C13 JG1 C . 17.47 -2.83 9.52
O14 JG1 C . 16.21 -4.90 9.64
C15 JG1 C . 17.57 -2.85 11.03
C16 JG1 C . 18.20 -1.53 11.51
C17 JG1 C . 18.42 -1.53 13.03
C18 JG1 C . 17.16 -1.73 13.86
C19 JG1 C . 17.53 -1.70 15.35
C20 JG1 C . 16.32 -1.91 16.25
C21 JG1 C . 16.42 -2.76 17.35
C22 JG1 C . 15.33 -2.96 18.19
C23 JG1 C . 14.12 -2.32 17.92
C24 JG1 C . 14.01 -1.48 16.82
C25 JG1 C . 15.12 -1.27 15.99
CL CL D . 0.30 1.41 -2.15
CL CL E . 26.91 -17.60 -4.27
F F F . 16.98 -0.44 7.75
C1 PEG G . 2.85 -4.40 23.69
O1 PEG G . 2.28 -3.83 24.88
C2 PEG G . 3.10 -5.90 23.86
O2 PEG G . 1.88 -6.59 24.12
C3 PEG G . 2.07 -7.96 24.38
C4 PEG G . 0.73 -8.66 24.65
O4 PEG G . 0.06 -8.08 25.80
C1 PEG H . 14.00 16.54 26.46
O1 PEG H . 14.97 17.56 26.19
C2 PEG H . 14.60 15.18 26.08
O2 PEG H . 13.67 14.09 26.28
C3 PEG H . 13.22 13.66 27.56
C4 PEG H . 14.38 13.01 28.32
O4 PEG H . 13.91 12.55 29.60
N1 JG1 I . -16.95 0.05 4.31
C2 JG1 I . -16.80 -1.19 4.83
C3 JG1 I . -15.95 -1.39 5.91
C4 JG1 I . -15.30 -0.28 6.47
C5 JG1 I . -15.51 0.98 5.92
C6 JG1 I . -16.37 1.10 4.83
C7 JG1 I . -17.44 -2.28 4.27
N8 JG1 I . -18.18 -2.40 3.15
N9 JG1 I . -18.54 -3.58 3.00
C10 JG1 I . -18.10 -4.27 4.05
O11 JG1 I . -17.33 -3.50 4.85
C12 JG1 I . -18.23 -5.76 4.31
C13 JG1 I . -18.86 -6.65 3.22
O14 JG1 I . -17.91 -6.19 5.41
C15 JG1 I . -19.16 -8.07 3.69
C16 JG1 I . -19.76 -8.89 2.55
C17 JG1 I . -20.16 -10.31 3.00
C18 JG1 I . -19.02 -11.14 3.56
C19 JG1 I . -19.59 -12.51 3.98
C20 JG1 I . -18.53 -13.43 4.58
C21 JG1 I . -17.28 -13.57 3.99
C22 JG1 I . -16.33 -14.43 4.54
C23 JG1 I . -16.64 -15.14 5.70
C24 JG1 I . -17.88 -14.99 6.30
C25 JG1 I . -18.83 -14.14 5.74
CL CL J . -24.94 -20.26 7.68
F F K . -17.86 -5.78 0.49
O2S 1DO L . -12.86 11.47 17.12
C1 1DO L . -13.14 12.59 16.26
C2 1DO L . -14.61 12.97 16.38
C3 1DO L . -15.52 11.81 15.98
C4 1DO L . -17.00 12.19 16.08
C5 1DO L . -17.85 11.00 15.63
C6 1DO L . -17.47 10.63 14.20
C7 1DO L . -18.26 9.44 13.66
C8 1DO L . -17.77 9.12 12.25
C9 1DO L . -16.27 8.80 12.30
C10 1DO L . -15.69 8.46 10.92
C11 1DO L . -14.19 8.18 11.01
C12 1DO L . -13.90 6.99 11.94
C1 PEG M . -6.76 -21.21 10.96
O1 PEG M . -5.95 -22.39 10.87
C2 PEG M . -7.15 -20.94 12.42
O2 PEG M . -5.99 -20.74 13.24
C3 PEG M . -6.38 -20.54 14.61
C4 PEG M . -5.20 -20.33 15.58
O4 PEG M . -4.33 -21.46 15.58
C1 PEG N . -16.74 -28.50 -10.07
O1 PEG N . -15.42 -28.95 -10.40
C2 PEG N . -17.08 -28.89 -8.64
O2 PEG N . -16.18 -28.28 -7.71
C3 PEG N . -16.42 -28.63 -6.32
C4 PEG N . -16.25 -30.11 -6.00
O4 PEG N . -16.51 -30.36 -4.62
#